data_8HFK
#
_entry.id   8HFK
#
_cell.length_a   124.867
_cell.length_b   124.867
_cell.length_c   133.195
_cell.angle_alpha   90.00
_cell.angle_beta   90.00
_cell.angle_gamma   90.00
#
_symmetry.space_group_name_H-M   'P 41 21 2'
#
loop_
_entity.id
_entity.type
_entity.pdbx_description
1 polymer 'Versicolorin reductase'
2 non-polymer 'NADP NICOTINAMIDE-ADENINE-DINUCLEOTIDE PHOSPHATE'
3 non-polymer 2-bromanyl-1-(4-bromanyl-2-oxidanyl-phenyl)ethanone
4 water water
#
_entity_poly.entity_id   1
_entity_poly.type   'polypeptide(L)'
_entity_poly.pdbx_seq_one_letter_code
;MAMSPPTQDLHIPGRLDGKVALVTGSGRGIGAAVAVHLGLLGAKVVVNYANSPTHAQKVVDEIKQLGSDAIAIKADVRQV
PEIVRLFDEAVAHFGQLDIAVSNSGVVSFGHLKDVTEEEFDRVFSLNTRGQFFVAREAYKHLNNGGRIIMTSSNTSRDFS
VPKFSLYSGSKGAIDSFVRIFSKDCGDKKITVNAVAPGGTVTDMFHDVSQHYIPNGETYTPEERQKMAAHASPLHRNGFP
EDIARVVGFLVSAEGEWINGKVLTVDGGAAALEHHHHHH
;
_entity_poly.pdbx_strand_id   A,B,C,D
#
# COMPACT_ATOMS: atom_id res chain seq x y z
N HIS A 11 6.90 26.94 25.22
CA HIS A 11 6.75 26.92 23.74
C HIS A 11 5.28 26.94 23.34
N ILE A 12 4.48 26.00 23.86
CA ILE A 12 3.03 25.90 23.46
C ILE A 12 2.97 25.64 21.96
N PRO A 13 3.05 24.36 21.53
CA PRO A 13 3.14 24.05 20.11
C PRO A 13 1.95 24.18 19.18
N GLY A 14 1.24 23.10 18.88
CA GLY A 14 0.20 23.14 17.84
C GLY A 14 -1.15 23.62 18.31
N ARG A 15 -1.22 24.88 18.73
CA ARG A 15 -2.49 25.45 19.25
C ARG A 15 -3.21 26.09 18.07
N LEU A 16 -4.52 26.28 18.18
CA LEU A 16 -5.31 26.80 17.04
C LEU A 16 -5.98 28.10 17.47
N ASP A 17 -5.25 28.98 18.15
CA ASP A 17 -5.80 30.25 18.70
C ASP A 17 -6.27 31.15 17.54
N GLY A 18 -7.51 31.66 17.60
CA GLY A 18 -8.09 32.54 16.58
C GLY A 18 -8.47 31.81 15.30
N LYS A 19 -8.48 30.47 15.31
CA LYS A 19 -8.96 29.66 14.15
C LYS A 19 -10.38 29.19 14.44
N VAL A 20 -11.17 28.88 13.41
CA VAL A 20 -12.54 28.32 13.55
C VAL A 20 -12.56 26.96 12.88
N ALA A 21 -13.20 25.97 13.52
CA ALA A 21 -13.23 24.56 13.07
C ALA A 21 -14.67 24.03 13.08
N LEU A 22 -14.95 23.12 12.15
CA LEU A 22 -16.24 22.40 12.01
C LEU A 22 -15.98 20.89 11.95
N VAL A 23 -16.73 20.13 12.76
CA VAL A 23 -16.67 18.64 12.84
C VAL A 23 -18.09 18.06 12.63
N THR A 24 -18.27 17.19 11.63
CA THR A 24 -19.57 16.51 11.37
C THR A 24 -19.70 15.40 12.39
N GLY A 25 -20.90 15.21 12.92
CA GLY A 25 -21.19 14.19 13.95
C GLY A 25 -20.30 14.33 15.17
N SER A 26 -20.06 15.56 15.65
CA SER A 26 -19.24 15.79 16.87
C SER A 26 -20.11 15.76 18.12
N GLY A 27 -21.33 15.21 17.99
CA GLY A 27 -22.24 14.89 19.11
C GLY A 27 -21.73 13.75 19.99
N ARG A 28 -21.28 12.65 19.40
CA ARG A 28 -20.84 11.43 20.14
C ARG A 28 -19.51 10.91 19.62
N GLY A 29 -19.02 9.85 20.25
CA GLY A 29 -17.87 9.04 19.80
C GLY A 29 -16.67 9.91 19.49
N ILE A 30 -15.96 9.58 18.41
CA ILE A 30 -14.69 10.21 17.96
C ILE A 30 -14.93 11.71 17.75
N GLY A 31 -15.99 12.07 17.00
CA GLY A 31 -16.27 13.47 16.60
C GLY A 31 -16.25 14.43 17.78
N ALA A 32 -16.84 14.02 18.90
CA ALA A 32 -16.93 14.82 20.14
C ALA A 32 -15.53 15.06 20.72
N ALA A 33 -14.72 13.99 20.81
CA ALA A 33 -13.34 14.03 21.34
C ALA A 33 -12.46 14.87 20.40
N VAL A 34 -12.72 14.75 19.09
CA VAL A 34 -12.10 15.58 18.02
C VAL A 34 -12.38 17.05 18.35
N ALA A 35 -13.67 17.39 18.54
CA ALA A 35 -14.22 18.75 18.72
C ALA A 35 -13.82 19.32 20.10
N VAL A 36 -13.78 18.51 21.16
CA VAL A 36 -13.26 18.92 22.49
C VAL A 36 -11.74 19.17 22.40
N HIS A 37 -11.03 18.36 21.61
CA HIS A 37 -9.57 18.53 21.38
C HIS A 37 -9.33 19.90 20.72
N LEU A 38 -10.02 20.22 19.62
CA LEU A 38 -9.76 21.49 18.89
C LEU A 38 -10.02 22.66 19.86
N GLY A 39 -11.14 22.61 20.60
CA GLY A 39 -11.47 23.60 21.64
C GLY A 39 -10.32 23.75 22.62
N LEU A 40 -9.84 22.65 23.18
CA LEU A 40 -8.70 22.62 24.13
C LEU A 40 -7.47 23.28 23.49
N LEU A 41 -7.29 23.12 22.18
CA LEU A 41 -6.12 23.65 21.42
C LEU A 41 -6.35 25.11 21.05
N GLY A 42 -7.49 25.68 21.44
CA GLY A 42 -7.79 27.11 21.26
C GLY A 42 -8.72 27.42 20.09
N ALA A 43 -9.13 26.43 19.29
CA ALA A 43 -10.06 26.66 18.17
C ALA A 43 -11.45 26.97 18.73
N LYS A 44 -12.21 27.82 18.03
CA LYS A 44 -13.68 27.95 18.14
C LYS A 44 -14.26 26.87 17.22
N VAL A 45 -15.28 26.15 17.68
CA VAL A 45 -15.68 24.85 17.09
C VAL A 45 -17.19 24.89 16.76
N VAL A 46 -17.58 24.32 15.62
CA VAL A 46 -19.00 24.17 15.18
C VAL A 46 -19.37 22.67 15.27
N VAL A 47 -20.12 22.30 16.31
CA VAL A 47 -20.50 20.90 16.63
C VAL A 47 -21.74 20.51 15.82
N ASN A 48 -21.54 19.99 14.61
CA ASN A 48 -22.61 19.38 13.77
C ASN A 48 -23.11 18.06 14.40
N TYR A 49 -24.36 17.70 14.11
CA TYR A 49 -25.07 16.47 14.54
C TYR A 49 -26.35 16.35 13.70
N ALA A 50 -26.91 15.14 13.61
CA ALA A 50 -28.16 14.91 12.87
C ALA A 50 -29.28 14.49 13.81
N ASN A 51 -28.99 13.68 14.83
CA ASN A 51 -30.07 13.12 15.69
C ASN A 51 -29.76 13.26 17.18
N SER A 52 -28.55 13.66 17.54
CA SER A 52 -28.13 13.72 18.97
C SER A 52 -27.93 15.16 19.42
N PRO A 53 -29.00 15.99 19.50
CA PRO A 53 -28.87 17.39 19.88
C PRO A 53 -28.41 17.64 21.31
N THR A 54 -28.80 16.79 22.26
CA THR A 54 -28.44 16.99 23.68
C THR A 54 -26.93 16.76 23.83
N HIS A 55 -26.40 15.65 23.32
CA HIS A 55 -24.95 15.39 23.53
C HIS A 55 -24.14 16.45 22.78
N ALA A 56 -24.61 16.86 21.60
CA ALA A 56 -23.99 17.97 20.84
C ALA A 56 -23.86 19.18 21.77
N GLN A 57 -24.94 19.56 22.46
CA GLN A 57 -25.00 20.74 23.37
C GLN A 57 -24.02 20.56 24.53
N LYS A 58 -23.92 19.33 25.08
CA LYS A 58 -23.01 19.01 26.21
C LYS A 58 -21.57 19.25 25.76
N VAL A 59 -21.27 18.99 24.48
CA VAL A 59 -19.91 19.12 23.88
C VAL A 59 -19.59 20.61 23.73
N VAL A 60 -20.56 21.41 23.28
CA VAL A 60 -20.45 22.91 23.15
C VAL A 60 -20.17 23.50 24.54
N ASP A 61 -20.90 23.07 25.57
CA ASP A 61 -20.74 23.52 26.98
C ASP A 61 -19.34 23.09 27.49
N GLU A 62 -18.96 21.83 27.25
CA GLU A 62 -17.66 21.25 27.67
C GLU A 62 -16.52 22.06 27.02
N ILE A 63 -16.73 22.61 25.81
CA ILE A 63 -15.71 23.39 25.05
C ILE A 63 -15.69 24.81 25.59
N LYS A 64 -16.87 25.42 25.79
CA LYS A 64 -17.04 26.76 26.41
C LYS A 64 -16.39 26.77 27.80
N GLN A 65 -16.50 25.67 28.54
CA GLN A 65 -15.93 25.48 29.90
C GLN A 65 -14.39 25.63 29.87
N LEU A 66 -13.72 25.25 28.78
CA LEU A 66 -12.23 25.30 28.75
C LEU A 66 -11.75 26.54 28.00
N GLY A 67 -12.54 27.61 28.02
CA GLY A 67 -12.12 28.96 27.61
C GLY A 67 -12.13 29.18 26.10
N SER A 68 -12.90 28.40 25.34
CA SER A 68 -13.17 28.70 23.91
C SER A 68 -14.67 28.92 23.72
N ASP A 69 -15.14 28.96 22.48
CA ASP A 69 -16.58 29.07 22.14
C ASP A 69 -16.93 27.96 21.14
N ALA A 70 -18.19 27.50 21.16
CA ALA A 70 -18.73 26.44 20.28
C ALA A 70 -20.21 26.69 20.01
N ILE A 71 -20.78 26.03 19.00
CA ILE A 71 -22.25 26.01 18.72
C ILE A 71 -22.63 24.75 17.97
N ALA A 72 -23.75 24.18 18.35
CA ALA A 72 -24.34 22.99 17.70
C ALA A 72 -25.24 23.45 16.56
N ILE A 73 -24.90 23.07 15.33
CA ILE A 73 -25.82 23.19 14.17
C ILE A 73 -26.38 21.80 13.88
N LYS A 74 -27.67 21.69 13.61
CA LYS A 74 -28.29 20.45 13.10
C LYS A 74 -28.07 20.39 11.58
N ALA A 75 -27.58 19.27 11.05
CA ALA A 75 -27.60 18.98 9.60
C ALA A 75 -27.38 17.49 9.34
N ASP A 76 -28.19 16.90 8.45
CA ASP A 76 -28.05 15.51 7.95
C ASP A 76 -27.14 15.57 6.72
N VAL A 77 -25.92 14.99 6.80
CA VAL A 77 -24.89 15.19 5.75
C VAL A 77 -25.12 14.15 4.66
N ARG A 78 -26.27 13.44 4.70
CA ARG A 78 -26.82 12.66 3.55
C ARG A 78 -27.48 13.58 2.54
N GLN A 79 -28.18 14.65 2.97
CA GLN A 79 -28.77 15.70 2.11
C GLN A 79 -27.73 16.78 1.87
N VAL A 80 -27.32 16.96 0.62
CA VAL A 80 -26.20 17.87 0.21
C VAL A 80 -26.60 19.31 0.51
N PRO A 81 -27.84 19.78 0.21
CA PRO A 81 -28.29 21.12 0.62
C PRO A 81 -28.23 21.40 2.13
N GLU A 82 -28.43 20.40 2.99
CA GLU A 82 -28.22 20.59 4.46
C GLU A 82 -26.72 20.81 4.71
N ILE A 83 -25.82 20.21 3.91
CA ILE A 83 -24.33 20.38 4.00
C ILE A 83 -23.95 21.84 3.73
N VAL A 84 -24.49 22.41 2.64
CA VAL A 84 -24.22 23.82 2.22
C VAL A 84 -24.76 24.72 3.32
N ARG A 85 -25.98 24.42 3.79
CA ARG A 85 -26.65 25.19 4.88
C ARG A 85 -25.78 25.13 6.13
N LEU A 86 -25.16 23.98 6.40
CA LEU A 86 -24.31 23.78 7.58
C LEU A 86 -23.09 24.72 7.49
N PHE A 87 -22.39 24.74 6.35
CA PHE A 87 -21.16 25.54 6.13
C PHE A 87 -21.48 27.04 6.05
N ASP A 88 -22.56 27.42 5.36
CA ASP A 88 -23.06 28.82 5.28
C ASP A 88 -23.32 29.37 6.70
N GLU A 89 -24.08 28.63 7.50
CA GLU A 89 -24.43 28.96 8.90
C GLU A 89 -23.15 29.10 9.74
N ALA A 90 -22.21 28.16 9.61
CA ALA A 90 -20.94 28.11 10.39
C ALA A 90 -20.09 29.37 10.13
N VAL A 91 -19.95 29.77 8.87
CA VAL A 91 -19.27 31.05 8.50
C VAL A 91 -20.09 32.21 9.07
N ALA A 92 -21.42 32.20 8.89
CA ALA A 92 -22.32 33.28 9.34
C ALA A 92 -22.04 33.60 10.81
N HIS A 93 -22.05 32.58 11.68
CA HIS A 93 -21.95 32.74 13.15
C HIS A 93 -20.57 33.30 13.53
N PHE A 94 -19.49 32.59 13.19
CA PHE A 94 -18.10 32.84 13.68
C PHE A 94 -17.33 33.73 12.69
N GLY A 95 -17.87 33.99 11.49
CA GLY A 95 -17.32 34.93 10.50
C GLY A 95 -16.31 34.33 9.53
N GLN A 96 -15.83 33.10 9.79
CA GLN A 96 -14.80 32.42 8.96
C GLN A 96 -14.78 30.93 9.30
N LEU A 97 -13.86 30.20 8.69
CA LEU A 97 -13.62 28.76 8.97
C LEU A 97 -12.23 28.40 8.43
N ASP A 98 -11.36 27.85 9.29
CA ASP A 98 -9.98 27.39 8.93
C ASP A 98 -9.95 25.86 8.73
N ILE A 99 -10.74 25.11 9.51
CA ILE A 99 -10.62 23.63 9.65
C ILE A 99 -11.97 22.94 9.41
N ALA A 100 -11.98 21.84 8.64
CA ALA A 100 -13.20 21.07 8.30
C ALA A 100 -12.92 19.56 8.45
N VAL A 101 -13.50 18.93 9.49
CA VAL A 101 -13.33 17.49 9.84
C VAL A 101 -14.63 16.74 9.49
N SER A 102 -14.64 16.09 8.33
CA SER A 102 -15.66 15.09 7.93
C SER A 102 -15.51 13.83 8.80
N ASN A 103 -16.34 13.67 9.84
CA ASN A 103 -16.23 12.56 10.83
C ASN A 103 -17.42 11.58 10.76
N SER A 104 -18.61 12.05 10.40
CA SER A 104 -19.88 11.27 10.43
C SER A 104 -19.78 9.96 9.62
N GLY A 105 -20.25 8.85 10.20
CA GLY A 105 -20.29 7.56 9.48
C GLY A 105 -21.10 6.50 10.20
N VAL A 106 -21.44 5.43 9.48
CA VAL A 106 -22.19 4.26 10.01
C VAL A 106 -21.43 2.97 9.64
N VAL A 107 -21.67 1.91 10.41
CA VAL A 107 -21.08 0.56 10.14
C VAL A 107 -22.21 -0.39 9.71
N SER A 108 -21.92 -1.32 8.78
CA SER A 108 -22.86 -2.34 8.28
C SER A 108 -22.14 -3.66 8.24
N PHE A 109 -22.86 -4.76 8.46
CA PHE A 109 -22.28 -6.11 8.41
C PHE A 109 -23.17 -6.98 7.53
N GLY A 110 -22.58 -7.76 6.63
CA GLY A 110 -23.35 -8.67 5.78
C GLY A 110 -22.53 -9.29 4.68
N HIS A 111 -22.87 -10.50 4.24
CA HIS A 111 -22.16 -11.12 3.09
C HIS A 111 -22.62 -10.44 1.81
N LEU A 112 -21.72 -10.20 0.88
CA LEU A 112 -22.07 -9.57 -0.42
C LEU A 112 -23.47 -10.00 -0.81
N LYS A 113 -23.71 -11.28 -0.85
CA LYS A 113 -25.03 -11.81 -1.31
C LYS A 113 -26.19 -11.16 -0.54
N ASP A 114 -26.12 -11.10 0.80
CA ASP A 114 -27.29 -10.58 1.55
C ASP A 114 -27.40 -9.06 1.43
N VAL A 115 -26.35 -8.40 0.98
CA VAL A 115 -26.31 -6.90 0.90
C VAL A 115 -27.35 -6.43 -0.11
N THR A 116 -28.11 -5.40 0.26
CA THR A 116 -29.26 -4.95 -0.57
C THR A 116 -29.02 -3.56 -1.15
N GLU A 117 -29.89 -3.13 -2.05
CA GLU A 117 -29.85 -1.75 -2.63
C GLU A 117 -30.01 -0.73 -1.49
N GLU A 118 -31.04 -0.94 -0.68
CA GLU A 118 -31.44 -0.05 0.44
C GLU A 118 -30.22 0.05 1.38
N GLU A 119 -29.73 -1.10 1.88
CA GLU A 119 -28.59 -1.18 2.83
C GLU A 119 -27.35 -0.50 2.25
N PHE A 120 -27.07 -0.69 0.95
CA PHE A 120 -25.87 -0.14 0.26
C PHE A 120 -25.94 1.38 0.22
N ASP A 121 -27.05 1.92 -0.30
CA ASP A 121 -27.29 3.38 -0.42
C ASP A 121 -27.22 4.00 0.97
N ARG A 122 -27.75 3.31 1.98
CA ARG A 122 -27.69 3.75 3.41
C ARG A 122 -26.23 4.06 3.77
N VAL A 123 -25.30 3.16 3.44
CA VAL A 123 -23.88 3.32 3.89
C VAL A 123 -23.19 4.37 3.02
N PHE A 124 -23.35 4.31 1.69
CA PHE A 124 -22.57 5.15 0.73
C PHE A 124 -23.01 6.63 0.77
N SER A 125 -24.31 6.87 0.95
CA SER A 125 -24.93 8.23 0.99
C SER A 125 -24.37 9.06 2.15
N LEU A 126 -23.94 8.46 3.26
CA LEU A 126 -23.35 9.18 4.43
C LEU A 126 -21.82 9.07 4.38
N ASN A 127 -21.31 7.85 4.21
CA ASN A 127 -19.89 7.52 4.45
C ASN A 127 -19.02 8.04 3.32
N THR A 128 -19.54 8.02 2.08
CA THR A 128 -18.76 8.25 0.83
C THR A 128 -19.22 9.54 0.15
N ARG A 129 -20.44 9.56 -0.37
CA ARG A 129 -21.12 10.75 -0.97
C ARG A 129 -21.12 11.90 0.05
N GLY A 130 -21.75 11.71 1.21
CA GLY A 130 -21.74 12.68 2.32
C GLY A 130 -20.38 13.35 2.47
N GLN A 131 -19.34 12.56 2.76
CA GLN A 131 -17.97 13.07 3.06
C GLN A 131 -17.41 13.86 1.87
N PHE A 132 -17.64 13.38 0.65
CA PHE A 132 -17.14 14.03 -0.60
C PHE A 132 -17.64 15.49 -0.60
N PHE A 133 -18.93 15.68 -0.32
CA PHE A 133 -19.64 16.98 -0.48
C PHE A 133 -19.33 17.87 0.73
N VAL A 134 -19.03 17.28 1.88
CA VAL A 134 -18.53 18.00 3.09
C VAL A 134 -17.18 18.63 2.73
N ALA A 135 -16.42 17.99 1.82
CA ALA A 135 -15.07 18.42 1.39
C ALA A 135 -15.21 19.47 0.28
N ARG A 136 -16.20 19.32 -0.61
CA ARG A 136 -16.55 20.33 -1.65
C ARG A 136 -16.86 21.69 -0.98
N GLU A 137 -17.80 21.70 -0.04
CA GLU A 137 -18.34 22.91 0.61
C GLU A 137 -17.29 23.51 1.56
N ALA A 138 -16.47 22.67 2.19
CA ALA A 138 -15.35 23.09 3.06
C ALA A 138 -14.37 23.90 2.20
N TYR A 139 -13.94 23.34 1.07
CA TYR A 139 -13.09 24.03 0.08
C TYR A 139 -13.68 25.41 -0.27
N LYS A 140 -15.00 25.50 -0.47
CA LYS A 140 -15.67 26.73 -0.95
C LYS A 140 -15.76 27.77 0.20
N HIS A 141 -15.84 27.33 1.46
CA HIS A 141 -16.02 28.20 2.65
C HIS A 141 -14.72 28.46 3.38
N LEU A 142 -13.70 27.63 3.18
CA LEU A 142 -12.47 27.65 4.03
C LEU A 142 -11.57 28.83 3.65
N ASN A 143 -10.95 29.44 4.66
CA ASN A 143 -9.77 30.33 4.53
C ASN A 143 -8.65 29.61 3.75
N ASN A 144 -7.91 30.33 2.92
CA ASN A 144 -6.61 29.87 2.38
C ASN A 144 -5.72 29.43 3.55
N GLY A 145 -4.91 28.39 3.39
CA GLY A 145 -4.06 27.86 4.50
C GLY A 145 -4.83 26.93 5.43
N GLY A 146 -6.10 26.67 5.17
CA GLY A 146 -7.00 25.86 6.02
C GLY A 146 -6.67 24.38 5.96
N ARG A 147 -7.56 23.54 6.49
CA ARG A 147 -7.35 22.09 6.72
C ARG A 147 -8.63 21.29 6.48
N ILE A 148 -8.60 20.31 5.57
CA ILE A 148 -9.67 19.28 5.43
C ILE A 148 -9.15 17.93 5.96
N ILE A 149 -9.91 17.33 6.87
CA ILE A 149 -9.74 15.93 7.33
C ILE A 149 -11.01 15.15 6.96
N MET A 150 -10.83 13.96 6.39
CA MET A 150 -11.92 12.98 6.22
C MET A 150 -11.59 11.77 7.08
N THR A 151 -12.60 11.00 7.52
CA THR A 151 -12.37 9.79 8.34
C THR A 151 -12.52 8.58 7.43
N SER A 152 -11.55 7.68 7.46
CA SER A 152 -11.51 6.39 6.72
C SER A 152 -11.61 5.25 7.74
N SER A 153 -10.88 4.16 7.53
CA SER A 153 -10.91 2.94 8.37
C SER A 153 -9.64 2.13 8.11
N ASN A 154 -9.21 1.26 9.02
CA ASN A 154 -7.97 0.47 8.82
C ASN A 154 -8.29 -0.84 8.11
N THR A 155 -9.51 -0.99 7.64
CA THR A 155 -9.96 -2.22 6.95
C THR A 155 -10.22 -1.95 5.45
N SER A 156 -10.13 -0.67 5.10
CA SER A 156 -10.29 -0.21 3.72
C SER A 156 -9.27 -0.94 2.84
N ARG A 157 -8.02 -1.04 3.29
CA ARG A 157 -7.06 -1.84 2.50
C ARG A 157 -6.12 -2.62 3.44
N ASP A 158 -5.87 -2.10 4.63
CA ASP A 158 -4.92 -2.75 5.57
C ASP A 158 -5.34 -4.19 5.83
N SER A 160 -8.16 -7.66 6.09
CA SER A 160 -9.32 -8.37 5.49
C SER A 160 -10.23 -8.89 6.60
N VAL A 161 -11.48 -8.42 6.66
CA VAL A 161 -12.43 -8.83 7.72
C VAL A 161 -13.73 -9.24 7.04
N PRO A 162 -14.14 -10.52 7.15
CA PRO A 162 -15.33 -11.00 6.47
C PRO A 162 -16.66 -10.24 6.70
N LYS A 163 -17.56 -10.26 5.71
CA LYS A 163 -18.94 -9.68 5.77
C LYS A 163 -18.88 -8.19 6.11
N PHE A 164 -17.81 -7.52 5.65
CA PHE A 164 -17.45 -6.10 5.93
C PHE A 164 -17.12 -5.37 4.61
N SER A 165 -17.56 -5.92 3.48
CA SER A 165 -17.24 -5.34 2.16
C SER A 165 -17.86 -3.94 2.06
N LEU A 166 -19.16 -3.81 2.31
CA LEU A 166 -19.93 -2.56 2.04
C LEU A 166 -19.35 -1.41 2.88
N TYR A 167 -19.16 -1.61 4.19
CA TYR A 167 -18.53 -0.60 5.08
C TYR A 167 -17.16 -0.27 4.49
N SER A 168 -16.27 -1.28 4.42
CA SER A 168 -14.84 -1.12 4.03
C SER A 168 -14.73 -0.44 2.66
N GLY A 169 -15.54 -0.87 1.71
CA GLY A 169 -15.69 -0.17 0.43
C GLY A 169 -15.94 1.32 0.63
N SER A 170 -17.00 1.65 1.37
CA SER A 170 -17.48 3.05 1.48
C SER A 170 -16.29 3.97 1.77
N LYS A 171 -15.27 3.44 2.46
CA LYS A 171 -14.12 4.17 3.06
C LYS A 171 -12.89 4.18 2.14
N GLY A 172 -12.60 3.10 1.41
CA GLY A 172 -11.55 3.08 0.38
C GLY A 172 -11.73 4.22 -0.63
N ALA A 173 -12.97 4.53 -1.01
CA ALA A 173 -13.31 5.73 -1.79
C ALA A 173 -12.70 6.98 -1.14
N ILE A 174 -12.75 7.10 0.19
CA ILE A 174 -12.17 8.28 0.90
C ILE A 174 -10.67 8.33 0.61
N ASP A 175 -9.95 7.20 0.70
CA ASP A 175 -8.47 7.14 0.61
C ASP A 175 -8.04 7.71 -0.73
N SER A 176 -8.70 7.26 -1.79
CA SER A 176 -8.52 7.70 -3.19
C SER A 176 -8.88 9.18 -3.30
N PHE A 177 -9.94 9.61 -2.61
CA PHE A 177 -10.38 11.03 -2.65
C PHE A 177 -9.28 11.95 -2.07
N VAL A 178 -8.64 11.61 -0.93
CA VAL A 178 -7.79 12.60 -0.22
C VAL A 178 -6.51 12.84 -1.03
N ARG A 179 -6.01 11.82 -1.74
CA ARG A 179 -4.74 11.93 -2.52
C ARG A 179 -4.95 12.99 -3.63
N ILE A 180 -6.10 12.98 -4.33
CA ILE A 180 -6.43 13.96 -5.42
C ILE A 180 -6.95 15.29 -4.84
N PHE A 181 -7.68 15.27 -3.72
CA PHE A 181 -8.23 16.50 -3.07
C PHE A 181 -7.05 17.43 -2.74
N SER A 182 -5.96 16.85 -2.22
CA SER A 182 -4.69 17.56 -1.86
C SER A 182 -4.25 18.47 -3.01
N LYS A 183 -4.32 18.00 -4.25
CA LYS A 183 -3.89 18.75 -5.46
C LYS A 183 -4.90 19.89 -5.70
N ASP A 184 -6.16 19.53 -5.98
CA ASP A 184 -7.27 20.48 -6.25
C ASP A 184 -7.26 21.59 -5.18
N CYS A 185 -7.24 21.21 -3.91
CA CYS A 185 -7.35 22.13 -2.75
C CYS A 185 -6.09 22.99 -2.60
N GLY A 186 -5.02 22.65 -3.33
CA GLY A 186 -3.72 23.35 -3.31
C GLY A 186 -3.79 24.81 -3.78
N ASP A 187 -4.70 25.13 -4.69
CA ASP A 187 -4.81 26.50 -5.25
C ASP A 187 -5.28 27.47 -4.14
N LYS A 188 -5.74 26.95 -2.99
CA LYS A 188 -6.04 27.73 -1.76
C LYS A 188 -5.11 27.32 -0.63
N LYS A 189 -3.98 26.68 -0.92
CA LYS A 189 -2.99 26.23 0.10
C LYS A 189 -3.74 25.53 1.23
N ILE A 190 -4.60 24.58 0.88
CA ILE A 190 -5.41 23.74 1.81
C ILE A 190 -4.84 22.31 1.78
N THR A 191 -4.49 21.80 2.95
CA THR A 191 -4.05 20.38 3.11
C THR A 191 -5.31 19.55 3.37
N VAL A 192 -5.50 18.52 2.56
CA VAL A 192 -6.51 17.45 2.78
C VAL A 192 -5.80 16.18 3.17
N ASN A 193 -6.26 15.54 4.25
CA ASN A 193 -5.73 14.27 4.83
C ASN A 193 -6.88 13.45 5.40
N ALA A 194 -6.72 12.13 5.43
CA ALA A 194 -7.67 11.20 6.05
C ALA A 194 -7.06 10.64 7.33
N VAL A 195 -7.87 10.43 8.38
CA VAL A 195 -7.51 9.55 9.52
C VAL A 195 -8.20 8.22 9.28
N ALA A 196 -7.49 7.11 9.51
CA ALA A 196 -7.98 5.72 9.33
C ALA A 196 -8.01 5.04 10.70
N PRO A 197 -9.05 5.36 11.51
CA PRO A 197 -9.12 4.82 12.83
C PRO A 197 -9.24 3.29 12.83
N GLY A 198 -8.88 2.66 13.95
CA GLY A 198 -8.96 1.19 14.07
C GLY A 198 -10.25 0.75 14.76
N GLY A 199 -10.20 0.55 16.08
CA GLY A 199 -11.38 0.09 16.84
C GLY A 199 -11.67 0.97 18.03
N THR A 200 -11.59 2.29 17.85
CA THR A 200 -11.82 3.25 18.97
C THR A 200 -13.11 2.88 19.71
N VAL A 201 -13.03 2.69 21.03
CA VAL A 201 -14.22 2.33 21.84
C VAL A 201 -15.34 3.35 21.65
N THR A 202 -16.42 2.92 20.99
CA THR A 202 -17.59 3.77 20.72
C THR A 202 -18.79 2.82 20.62
N ASP A 203 -20.01 3.35 20.51
CA ASP A 203 -21.21 2.48 20.29
C ASP A 203 -21.03 1.71 18.98
N MET A 204 -20.23 2.22 18.03
CA MET A 204 -19.96 1.54 16.74
C MET A 204 -18.98 0.39 16.93
N PHE A 205 -17.90 0.60 17.67
CA PHE A 205 -16.97 -0.51 18.00
C PHE A 205 -17.70 -1.66 18.68
N HIS A 206 -18.59 -1.33 19.61
CA HIS A 206 -19.28 -2.41 20.36
C HIS A 206 -20.21 -3.18 19.42
N ASP A 207 -20.81 -2.53 18.43
CA ASP A 207 -21.69 -3.20 17.43
C ASP A 207 -20.84 -4.09 16.51
N VAL A 208 -19.57 -3.76 16.36
CA VAL A 208 -18.66 -4.56 15.50
C VAL A 208 -17.98 -5.64 16.35
N SER A 209 -17.90 -5.44 17.67
CA SER A 209 -17.32 -6.45 18.57
C SER A 209 -18.36 -7.53 18.85
N GLN A 210 -19.62 -7.22 18.59
CA GLN A 210 -20.71 -8.20 18.79
C GLN A 210 -20.71 -9.18 17.64
N HIS A 211 -20.34 -8.75 16.45
CA HIS A 211 -20.48 -9.62 15.26
C HIS A 211 -19.21 -10.44 15.01
N TYR A 212 -18.05 -9.84 15.21
CA TYR A 212 -16.79 -10.52 14.82
C TYR A 212 -16.16 -11.25 16.00
N ILE A 213 -16.95 -11.51 17.03
CA ILE A 213 -16.44 -12.27 18.21
C ILE A 213 -17.13 -13.63 18.23
N PRO A 214 -16.44 -14.72 18.62
CA PRO A 214 -17.08 -16.02 18.76
C PRO A 214 -18.57 -16.02 19.18
N ASN A 215 -18.92 -15.43 20.32
CA ASN A 215 -20.33 -15.36 20.73
C ASN A 215 -20.61 -14.00 21.39
N GLY A 216 -20.49 -12.90 20.63
CA GLY A 216 -20.60 -11.54 21.19
C GLY A 216 -21.77 -11.26 22.11
N GLU A 217 -22.99 -11.57 21.70
CA GLU A 217 -24.21 -11.25 22.50
C GLU A 217 -24.16 -12.00 23.83
N THR A 218 -23.38 -13.07 23.89
CA THR A 218 -23.22 -13.84 25.14
C THR A 218 -22.17 -13.15 25.98
N TYR A 219 -21.67 -12.00 25.51
CA TYR A 219 -20.59 -11.28 26.21
C TYR A 219 -21.00 -9.84 26.48
N THR A 220 -20.34 -9.22 27.44
CA THR A 220 -20.62 -7.81 27.75
C THR A 220 -19.77 -6.98 26.81
N PRO A 221 -20.16 -5.74 26.47
CA PRO A 221 -19.31 -4.88 25.68
C PRO A 221 -17.89 -4.74 26.25
N GLU A 222 -17.76 -4.60 27.57
CA GLU A 222 -16.45 -4.49 28.24
C GLU A 222 -15.64 -5.77 28.05
N GLU A 223 -16.30 -6.92 28.18
CA GLU A 223 -15.63 -8.22 27.95
C GLU A 223 -14.96 -8.19 26.59
N ARG A 224 -15.74 -8.01 25.53
CA ARG A 224 -15.16 -8.05 24.16
C ARG A 224 -14.09 -6.97 24.07
N GLN A 225 -14.29 -5.85 24.73
CA GLN A 225 -13.25 -4.78 24.78
C GLN A 225 -11.94 -5.38 25.30
N LYS A 226 -11.91 -5.80 26.55
CA LYS A 226 -10.70 -6.40 27.17
C LYS A 226 -10.04 -7.40 26.22
N MET A 227 -10.86 -8.13 25.47
CA MET A 227 -10.37 -9.19 24.55
C MET A 227 -9.58 -8.53 23.42
N ALA A 228 -10.10 -7.43 22.88
CA ALA A 228 -9.41 -6.72 21.78
C ALA A 228 -8.14 -6.05 22.28
N ALA A 229 -8.10 -5.66 23.55
CA ALA A 229 -6.91 -5.02 24.14
C ALA A 229 -5.72 -5.98 24.09
N HIS A 230 -5.95 -7.25 24.35
CA HIS A 230 -4.86 -8.28 24.36
C HIS A 230 -4.24 -8.36 22.97
N ALA A 231 -4.88 -7.74 21.98
CA ALA A 231 -4.42 -7.83 20.59
C ALA A 231 -3.54 -6.64 20.21
N SER A 232 -3.49 -5.62 21.06
CA SER A 232 -2.69 -4.41 20.75
C SER A 232 -1.28 -4.60 21.30
N PRO A 233 -0.26 -4.17 20.56
CA PRO A 233 1.09 -4.21 21.07
C PRO A 233 1.18 -3.31 22.31
N LEU A 234 0.20 -2.43 22.50
CA LEU A 234 0.19 -1.49 23.66
C LEU A 234 -0.79 -2.01 24.70
N HIS A 235 -1.23 -3.26 24.54
CA HIS A 235 -2.14 -3.92 25.51
C HIS A 235 -3.13 -2.89 26.03
N ARG A 236 -3.91 -2.33 25.12
CA ARG A 236 -4.94 -1.34 25.50
C ARG A 236 -5.87 -1.14 24.31
N ASN A 237 -7.01 -0.50 24.55
CA ASN A 237 -7.98 -0.21 23.47
C ASN A 237 -7.75 1.23 23.05
N GLY A 238 -7.82 1.51 21.76
CA GLY A 238 -7.75 2.92 21.31
C GLY A 238 -8.98 3.68 21.78
N PHE A 239 -8.92 4.99 21.99
CA PHE A 239 -10.07 5.80 22.47
C PHE A 239 -10.20 7.04 21.58
N PRO A 240 -11.38 7.69 21.53
CA PRO A 240 -11.59 8.89 20.73
C PRO A 240 -10.48 9.95 20.87
N GLU A 241 -9.97 10.14 22.09
CA GLU A 241 -8.91 11.13 22.40
C GLU A 241 -7.64 10.76 21.60
N ASP A 242 -7.45 9.47 21.30
CA ASP A 242 -6.25 8.92 20.60
C ASP A 242 -6.23 9.36 19.13
N ILE A 243 -7.42 9.50 18.53
CA ILE A 243 -7.63 9.92 17.11
C ILE A 243 -7.62 11.46 17.07
N ALA A 244 -8.36 12.05 18.01
CA ALA A 244 -8.51 13.51 18.18
C ALA A 244 -7.12 14.15 18.34
N ARG A 245 -6.20 13.47 19.01
CA ARG A 245 -4.82 13.97 19.24
C ARG A 245 -4.08 14.06 17.90
N VAL A 246 -4.38 13.16 16.98
CA VAL A 246 -3.72 13.07 15.65
C VAL A 246 -4.37 14.13 14.76
N VAL A 247 -5.69 14.24 14.78
CA VAL A 247 -6.46 15.26 14.00
C VAL A 247 -5.90 16.62 14.40
N GLY A 248 -5.76 16.82 15.72
CA GLY A 248 -5.15 18.03 16.30
C GLY A 248 -3.87 18.43 15.56
N PHE A 249 -3.00 17.47 15.30
CA PHE A 249 -1.68 17.76 14.71
C PHE A 249 -1.88 18.20 13.27
N LEU A 250 -2.65 17.40 12.53
CA LEU A 250 -2.91 17.59 11.08
C LEU A 250 -3.41 19.02 10.84
N VAL A 251 -4.37 19.51 11.63
CA VAL A 251 -5.08 20.80 11.34
C VAL A 251 -4.27 21.99 11.89
N SER A 252 -3.16 21.73 12.58
CA SER A 252 -2.25 22.77 13.14
C SER A 252 -1.37 23.36 12.03
N ALA A 253 -0.85 24.55 12.24
CA ALA A 253 0.24 25.14 11.41
C ALA A 253 1.32 24.07 11.21
N GLU A 254 1.65 23.35 12.28
CA GLU A 254 2.86 22.50 12.32
C GLU A 254 2.68 21.25 11.47
N GLY A 255 1.42 20.83 11.21
CA GLY A 255 1.10 19.56 10.51
C GLY A 255 1.06 19.70 8.99
N GLU A 256 1.43 20.89 8.50
CA GLU A 256 1.24 21.32 7.10
C GLU A 256 1.86 20.34 6.10
N TRP A 257 3.01 19.74 6.39
CA TRP A 257 3.78 18.98 5.37
C TRP A 257 3.31 17.53 5.27
N ILE A 258 2.33 17.15 6.10
CA ILE A 258 1.46 15.97 5.85
C ILE A 258 0.24 16.49 5.08
N ASN A 259 0.21 16.27 3.76
CA ASN A 259 -0.87 16.71 2.86
C ASN A 259 -1.13 15.55 1.86
N GLY A 260 -2.37 15.08 1.78
CA GLY A 260 -2.81 14.11 0.75
C GLY A 260 -2.68 12.67 1.21
N LYS A 261 -2.19 12.44 2.43
CA LYS A 261 -1.92 11.06 2.93
C LYS A 261 -3.13 10.57 3.74
N VAL A 262 -3.20 9.26 3.98
CA VAL A 262 -4.18 8.57 4.88
C VAL A 262 -3.38 8.04 6.08
N LEU A 263 -3.59 8.59 7.27
CA LEU A 263 -2.93 8.13 8.52
C LEU A 263 -3.83 7.12 9.24
N THR A 264 -3.24 5.99 9.64
CA THR A 264 -3.95 4.92 10.39
C THR A 264 -3.60 4.99 11.88
N VAL A 265 -4.59 5.24 12.74
CA VAL A 265 -4.36 5.33 14.21
C VAL A 265 -5.00 4.09 14.81
N ASP A 266 -4.20 3.04 15.04
CA ASP A 266 -4.73 1.71 15.46
C ASP A 266 -3.98 1.11 16.64
N GLY A 267 -2.95 1.78 17.13
CA GLY A 267 -2.13 1.28 18.27
C GLY A 267 -1.11 0.22 17.84
N GLY A 268 -1.21 -0.22 16.57
CA GLY A 268 -0.22 -1.07 15.90
C GLY A 268 -0.77 -2.43 15.49
N ALA A 269 -2.08 -2.65 15.60
CA ALA A 269 -2.77 -3.87 15.10
C ALA A 269 -4.28 -3.68 15.14
N ALA A 270 -5.00 -4.66 14.60
CA ALA A 270 -6.46 -4.85 14.70
C ALA A 270 -6.74 -5.85 15.84
N LEU B 10 2.53 -31.55 -25.68
CA LEU B 10 2.82 -30.07 -25.70
C LEU B 10 1.77 -29.33 -24.86
N HIS B 11 2.09 -29.03 -23.59
CA HIS B 11 1.17 -28.46 -22.58
C HIS B 11 0.68 -27.06 -23.00
N ILE B 12 -0.64 -26.83 -22.94
CA ILE B 12 -1.32 -25.54 -23.28
C ILE B 12 -1.93 -24.94 -22.02
N PRO B 13 -1.36 -23.84 -21.47
CA PRO B 13 -1.82 -23.29 -20.20
C PRO B 13 -3.08 -22.40 -20.29
N GLY B 14 -3.64 -22.10 -19.12
CA GLY B 14 -4.65 -21.06 -18.90
C GLY B 14 -5.85 -21.22 -19.80
N ARG B 15 -6.30 -22.46 -20.07
CA ARG B 15 -7.45 -22.73 -20.98
C ARG B 15 -8.75 -22.80 -20.18
N LEU B 16 -9.89 -22.60 -20.85
CA LEU B 16 -11.22 -22.36 -20.21
C LEU B 16 -12.31 -23.19 -20.90
N ASP B 17 -11.93 -24.26 -21.60
CA ASP B 17 -12.84 -25.13 -22.38
C ASP B 17 -13.99 -25.59 -21.47
N GLY B 18 -15.22 -25.61 -22.01
CA GLY B 18 -16.48 -25.99 -21.32
C GLY B 18 -16.77 -25.14 -20.09
N LYS B 19 -16.33 -23.88 -20.13
CA LYS B 19 -16.60 -22.85 -19.08
C LYS B 19 -17.36 -21.70 -19.73
N VAL B 20 -18.27 -21.10 -18.99
CA VAL B 20 -19.06 -19.91 -19.43
C VAL B 20 -18.54 -18.68 -18.67
N ALA B 21 -18.32 -17.57 -19.40
CA ALA B 21 -17.83 -16.26 -18.91
C ALA B 21 -18.78 -15.15 -19.37
N LEU B 22 -19.10 -14.19 -18.50
CA LEU B 22 -19.92 -12.99 -18.81
C LEU B 22 -18.98 -11.77 -18.68
N VAL B 23 -19.16 -10.73 -19.49
CA VAL B 23 -18.28 -9.53 -19.42
C VAL B 23 -19.11 -8.26 -19.65
N THR B 24 -19.52 -7.59 -18.57
CA THR B 24 -20.30 -6.33 -18.67
C THR B 24 -19.54 -5.38 -19.60
N GLY B 25 -20.27 -4.57 -20.36
CA GLY B 25 -19.71 -3.52 -21.23
C GLY B 25 -18.57 -4.06 -22.08
N SER B 26 -18.81 -5.18 -22.78
CA SER B 26 -17.80 -5.88 -23.62
C SER B 26 -18.08 -5.64 -25.11
N GLY B 27 -19.00 -4.74 -25.46
CA GLY B 27 -19.28 -4.39 -26.87
C GLY B 27 -18.08 -3.70 -27.50
N ARG B 28 -17.41 -2.80 -26.77
CA ARG B 28 -16.23 -2.01 -27.21
C ARG B 28 -15.23 -1.93 -26.06
N GLY B 29 -14.01 -1.49 -26.36
CA GLY B 29 -13.02 -1.06 -25.34
C GLY B 29 -12.36 -2.25 -24.67
N ILE B 30 -11.87 -2.07 -23.45
CA ILE B 30 -11.13 -3.15 -22.72
C ILE B 30 -12.06 -4.34 -22.65
N GLY B 31 -13.28 -4.18 -22.14
CA GLY B 31 -14.19 -5.30 -21.94
C GLY B 31 -14.31 -6.21 -23.15
N ALA B 32 -14.24 -5.64 -24.35
CA ALA B 32 -14.41 -6.42 -25.59
C ALA B 32 -13.22 -7.35 -25.81
N ALA B 33 -12.04 -6.92 -25.41
CA ALA B 33 -10.86 -7.79 -25.53
C ALA B 33 -10.99 -8.95 -24.54
N VAL B 34 -11.41 -8.68 -23.31
CA VAL B 34 -11.63 -9.76 -22.31
C VAL B 34 -12.61 -10.75 -22.95
N ALA B 35 -13.74 -10.25 -23.41
CA ALA B 35 -14.72 -11.10 -24.13
C ALA B 35 -14.02 -12.02 -25.13
N VAL B 36 -13.24 -11.45 -26.04
CA VAL B 36 -12.53 -12.23 -27.09
C VAL B 36 -11.49 -13.17 -26.46
N HIS B 37 -10.63 -12.65 -25.60
CA HIS B 37 -9.53 -13.48 -25.06
C HIS B 37 -10.12 -14.75 -24.48
N LEU B 38 -11.08 -14.57 -23.59
CA LEU B 38 -11.67 -15.75 -22.92
C LEU B 38 -12.24 -16.67 -24.01
N GLY B 39 -12.77 -16.08 -25.08
CA GLY B 39 -13.31 -16.81 -26.25
C GLY B 39 -12.21 -17.61 -26.93
N LEU B 40 -11.07 -16.97 -27.14
CA LEU B 40 -9.82 -17.58 -27.70
C LEU B 40 -9.38 -18.74 -26.82
N LEU B 41 -9.22 -18.51 -25.51
CA LEU B 41 -8.78 -19.55 -24.53
C LEU B 41 -9.90 -20.59 -24.32
N GLY B 42 -11.04 -20.45 -24.99
CA GLY B 42 -12.01 -21.56 -25.18
C GLY B 42 -13.20 -21.54 -24.22
N ALA B 43 -13.52 -20.37 -23.64
CA ALA B 43 -14.77 -20.13 -22.89
C ALA B 43 -15.86 -19.77 -23.90
N LYS B 44 -17.10 -20.19 -23.62
CA LYS B 44 -18.32 -19.54 -24.16
C LYS B 44 -18.50 -18.20 -23.45
N VAL B 45 -19.02 -17.17 -24.14
CA VAL B 45 -18.99 -15.77 -23.64
C VAL B 45 -20.36 -15.10 -23.83
N VAL B 46 -20.92 -14.56 -22.74
CA VAL B 46 -22.05 -13.58 -22.78
C VAL B 46 -21.43 -12.17 -22.87
N VAL B 47 -21.81 -11.42 -23.91
CA VAL B 47 -21.17 -10.11 -24.26
C VAL B 47 -22.17 -9.00 -23.96
N ASN B 48 -22.21 -8.52 -22.71
CA ASN B 48 -23.15 -7.46 -22.26
C ASN B 48 -22.71 -6.13 -22.89
N TYR B 49 -23.68 -5.40 -23.44
CA TYR B 49 -23.60 -3.99 -23.91
C TYR B 49 -24.80 -3.28 -23.31
N ALA B 50 -24.93 -1.98 -23.56
CA ALA B 50 -26.08 -1.16 -23.10
C ALA B 50 -26.49 -0.13 -24.16
N ASN B 51 -25.57 0.34 -25.02
CA ASN B 51 -25.85 1.40 -26.02
C ASN B 51 -25.29 1.06 -27.39
N SER B 52 -24.40 0.05 -27.48
CA SER B 52 -23.60 -0.27 -28.69
C SER B 52 -23.96 -1.65 -29.23
N PRO B 53 -25.17 -1.81 -29.82
CA PRO B 53 -25.71 -3.12 -30.15
C PRO B 53 -24.92 -3.80 -31.28
N THR B 54 -24.59 -3.08 -32.36
CA THR B 54 -23.82 -3.58 -33.52
C THR B 54 -22.40 -3.93 -33.06
N HIS B 55 -21.78 -3.04 -32.28
CA HIS B 55 -20.44 -3.25 -31.67
C HIS B 55 -20.39 -4.62 -31.00
N ALA B 56 -21.39 -4.96 -30.20
CA ALA B 56 -21.48 -6.25 -29.46
C ALA B 56 -21.63 -7.43 -30.43
N GLN B 57 -22.44 -7.27 -31.48
CA GLN B 57 -22.69 -8.34 -32.49
C GLN B 57 -21.37 -8.62 -33.23
N LYS B 58 -20.46 -7.65 -33.34
CA LYS B 58 -19.12 -7.86 -33.97
C LYS B 58 -18.27 -8.72 -33.02
N VAL B 59 -18.43 -8.55 -31.72
CA VAL B 59 -17.66 -9.29 -30.70
C VAL B 59 -18.23 -10.72 -30.63
N VAL B 60 -19.55 -10.88 -30.60
CA VAL B 60 -20.19 -12.21 -30.76
C VAL B 60 -19.64 -12.87 -32.04
N ASP B 61 -19.61 -12.15 -33.17
CA ASP B 61 -19.09 -12.67 -34.47
C ASP B 61 -17.64 -13.14 -34.27
N GLU B 62 -16.79 -12.31 -33.65
CA GLU B 62 -15.32 -12.53 -33.51
C GLU B 62 -15.14 -13.87 -32.80
N ILE B 63 -15.77 -14.02 -31.64
CA ILE B 63 -15.64 -15.20 -30.73
C ILE B 63 -16.11 -16.46 -31.47
N LYS B 64 -17.10 -16.36 -32.35
CA LYS B 64 -17.63 -17.53 -33.11
C LYS B 64 -16.59 -17.97 -34.15
N GLN B 65 -15.95 -17.01 -34.83
CA GLN B 65 -14.96 -17.30 -35.89
C GLN B 65 -13.81 -18.12 -35.29
N LEU B 66 -13.44 -17.94 -34.02
CA LEU B 66 -12.29 -18.70 -33.46
C LEU B 66 -12.75 -19.89 -32.60
N GLY B 67 -14.00 -20.33 -32.79
CA GLY B 67 -14.45 -21.71 -32.46
C GLY B 67 -15.00 -21.86 -31.06
N SER B 68 -15.74 -20.86 -30.59
CA SER B 68 -16.49 -20.85 -29.31
C SER B 68 -17.77 -20.03 -29.53
N ASP B 69 -18.70 -20.06 -28.59
CA ASP B 69 -20.08 -19.52 -28.79
C ASP B 69 -20.21 -18.20 -28.02
N ALA B 70 -21.21 -17.40 -28.35
CA ALA B 70 -21.49 -16.12 -27.65
C ALA B 70 -22.90 -15.62 -28.02
N ILE B 71 -23.51 -14.90 -27.10
CA ILE B 71 -24.76 -14.10 -27.31
C ILE B 71 -24.49 -12.73 -26.68
N ALA B 72 -24.92 -11.66 -27.34
CA ALA B 72 -24.99 -10.30 -26.76
C ALA B 72 -26.25 -10.20 -25.89
N ILE B 73 -26.18 -9.47 -24.76
CA ILE B 73 -27.36 -9.21 -23.89
C ILE B 73 -27.32 -7.75 -23.42
N LYS B 74 -28.21 -6.92 -23.95
CA LYS B 74 -28.40 -5.52 -23.51
C LYS B 74 -28.83 -5.50 -22.04
N ALA B 75 -28.27 -4.56 -21.25
CA ALA B 75 -28.57 -4.32 -19.82
C ALA B 75 -27.84 -3.07 -19.32
N ASP B 76 -28.57 -2.13 -18.70
CA ASP B 76 -27.98 -1.00 -17.92
C ASP B 76 -27.59 -1.53 -16.55
N VAL B 77 -26.29 -1.78 -16.27
CA VAL B 77 -25.82 -2.38 -14.98
C VAL B 77 -25.85 -1.31 -13.88
N ARG B 78 -26.32 -0.09 -14.18
CA ARG B 78 -26.77 0.90 -13.15
C ARG B 78 -28.06 0.44 -12.48
N GLN B 79 -28.76 -0.54 -13.05
CA GLN B 79 -30.13 -0.98 -12.63
C GLN B 79 -30.08 -2.41 -12.08
N VAL B 80 -30.00 -2.54 -10.75
CA VAL B 80 -29.78 -3.83 -10.05
C VAL B 80 -30.72 -4.89 -10.64
N PRO B 81 -32.05 -4.65 -10.84
CA PRO B 81 -32.93 -5.64 -11.49
C PRO B 81 -32.51 -6.06 -12.92
N GLU B 82 -31.96 -5.13 -13.72
CA GLU B 82 -31.36 -5.44 -15.04
C GLU B 82 -30.14 -6.35 -14.86
N ILE B 83 -29.42 -6.23 -13.74
CA ILE B 83 -28.25 -7.10 -13.43
C ILE B 83 -28.77 -8.47 -13.05
N VAL B 84 -29.87 -8.54 -12.30
CA VAL B 84 -30.46 -9.85 -11.86
C VAL B 84 -30.84 -10.61 -13.13
N ARG B 85 -31.50 -9.89 -14.04
CA ARG B 85 -32.02 -10.46 -15.31
C ARG B 85 -30.82 -10.91 -16.16
N LEU B 86 -29.75 -10.12 -16.19
CA LEU B 86 -28.56 -10.38 -17.04
C LEU B 86 -27.95 -11.72 -16.62
N PHE B 87 -27.68 -11.90 -15.34
CA PHE B 87 -27.16 -13.18 -14.79
C PHE B 87 -28.23 -14.28 -14.96
N ASP B 88 -29.50 -13.99 -14.64
CA ASP B 88 -30.63 -14.95 -14.77
C ASP B 88 -30.72 -15.44 -16.23
N GLU B 89 -30.61 -14.53 -17.21
CA GLU B 89 -30.64 -14.85 -18.67
C GLU B 89 -29.41 -15.66 -19.09
N ALA B 90 -28.21 -15.27 -18.66
CA ALA B 90 -26.94 -15.93 -19.04
C ALA B 90 -27.02 -17.42 -18.73
N VAL B 91 -27.46 -17.77 -17.53
CA VAL B 91 -27.48 -19.17 -17.04
C VAL B 91 -28.64 -19.89 -17.75
N ALA B 92 -29.73 -19.18 -18.05
CA ALA B 92 -30.84 -19.66 -18.90
C ALA B 92 -30.25 -20.17 -20.23
N HIS B 93 -29.34 -19.43 -20.85
CA HIS B 93 -28.83 -19.73 -22.21
C HIS B 93 -27.80 -20.86 -22.18
N PHE B 94 -26.62 -20.64 -21.58
CA PHE B 94 -25.43 -21.56 -21.65
C PHE B 94 -25.46 -22.66 -20.58
N GLY B 95 -26.41 -22.61 -19.63
CA GLY B 95 -26.64 -23.68 -18.64
C GLY B 95 -25.98 -23.39 -17.31
N GLN B 96 -24.77 -22.82 -17.29
CA GLN B 96 -24.09 -22.34 -16.05
C GLN B 96 -23.20 -21.13 -16.39
N LEU B 97 -22.54 -20.57 -15.37
CA LEU B 97 -21.63 -19.40 -15.49
C LEU B 97 -20.45 -19.61 -14.55
N ASP B 98 -19.23 -19.68 -15.09
CA ASP B 98 -17.99 -19.97 -14.32
C ASP B 98 -17.22 -18.66 -14.01
N ILE B 99 -17.34 -17.67 -14.90
CA ILE B 99 -16.52 -16.43 -14.88
C ILE B 99 -17.44 -15.22 -15.06
N ALA B 100 -17.31 -14.23 -14.17
CA ALA B 100 -18.02 -12.94 -14.24
C ALA B 100 -16.98 -11.83 -14.15
N VAL B 101 -16.82 -11.04 -15.21
CA VAL B 101 -15.87 -9.89 -15.28
C VAL B 101 -16.68 -8.59 -15.16
N SER B 102 -16.54 -7.85 -14.07
CA SER B 102 -17.08 -6.47 -13.91
C SER B 102 -16.13 -5.48 -14.60
N ASN B 103 -16.48 -5.08 -15.83
CA ASN B 103 -15.67 -4.17 -16.68
C ASN B 103 -16.31 -2.78 -16.81
N SER B 104 -17.63 -2.73 -17.01
CA SER B 104 -18.40 -1.50 -17.37
C SER B 104 -17.98 -0.33 -16.48
N GLY B 105 -17.79 0.84 -17.07
CA GLY B 105 -17.42 2.05 -16.31
C GLY B 105 -17.55 3.33 -17.13
N VAL B 106 -17.52 4.48 -16.47
CA VAL B 106 -17.53 5.84 -17.11
C VAL B 106 -16.48 6.73 -16.42
N VAL B 107 -15.93 7.70 -17.17
CA VAL B 107 -14.90 8.63 -16.61
C VAL B 107 -15.53 9.99 -16.32
N SER B 108 -14.93 10.76 -15.41
CA SER B 108 -15.39 12.12 -15.07
C SER B 108 -14.17 12.99 -14.79
N PHE B 109 -14.25 14.26 -15.15
CA PHE B 109 -13.12 15.19 -14.91
C PHE B 109 -13.68 16.49 -14.33
N GLY B 110 -12.94 17.10 -13.41
CA GLY B 110 -13.45 18.32 -12.76
C GLY B 110 -12.90 18.55 -11.37
N HIS B 111 -12.72 19.82 -11.00
CA HIS B 111 -12.17 20.19 -9.69
C HIS B 111 -13.24 19.97 -8.64
N LEU B 112 -12.82 19.49 -7.48
CA LEU B 112 -13.76 19.19 -6.37
C LEU B 112 -14.86 20.26 -6.31
N LYS B 113 -14.50 21.52 -6.54
CA LYS B 113 -15.41 22.68 -6.36
C LYS B 113 -16.56 22.59 -7.36
N ASP B 114 -16.35 22.00 -8.53
CA ASP B 114 -17.30 22.01 -9.68
C ASP B 114 -18.09 20.69 -9.79
N VAL B 115 -17.81 19.72 -8.94
CA VAL B 115 -18.47 18.39 -9.06
C VAL B 115 -19.85 18.46 -8.38
N THR B 116 -20.88 18.13 -9.17
CA THR B 116 -22.32 18.24 -8.83
C THR B 116 -22.84 16.89 -8.31
N GLU B 117 -24.00 16.91 -7.66
CA GLU B 117 -24.73 15.72 -7.15
C GLU B 117 -25.11 14.76 -8.30
N GLU B 118 -25.63 15.35 -9.39
CA GLU B 118 -26.01 14.60 -10.61
C GLU B 118 -24.74 13.85 -11.06
N GLU B 119 -23.59 14.52 -11.01
CA GLU B 119 -22.31 13.99 -11.58
C GLU B 119 -21.71 12.93 -10.65
N PHE B 120 -21.54 13.21 -9.36
CA PHE B 120 -21.17 12.16 -8.37
C PHE B 120 -21.93 10.86 -8.76
N ASP B 121 -23.26 10.93 -8.88
CA ASP B 121 -24.17 9.75 -9.01
C ASP B 121 -23.97 9.05 -10.36
N ARG B 122 -24.10 9.77 -11.47
CA ARG B 122 -23.79 9.22 -12.82
C ARG B 122 -22.58 8.28 -12.70
N VAL B 123 -21.51 8.75 -12.08
CA VAL B 123 -20.20 8.04 -11.95
C VAL B 123 -20.34 6.85 -10.99
N PHE B 124 -20.81 7.13 -9.77
CA PHE B 124 -20.86 6.14 -8.67
C PHE B 124 -21.91 5.08 -8.98
N SER B 125 -22.97 5.42 -9.74
CA SER B 125 -24.13 4.52 -9.99
C SER B 125 -23.67 3.30 -10.79
N LEU B 126 -22.71 3.50 -11.69
CA LEU B 126 -22.15 2.45 -12.60
C LEU B 126 -20.87 1.83 -12.03
N ASN B 127 -19.86 2.66 -11.68
CA ASN B 127 -18.44 2.22 -11.51
C ASN B 127 -18.30 1.47 -10.17
N THR B 128 -19.20 1.75 -9.20
CA THR B 128 -19.05 1.35 -7.76
C THR B 128 -20.27 0.54 -7.29
N ARG B 129 -21.46 1.13 -7.30
CA ARG B 129 -22.73 0.43 -6.98
C ARG B 129 -22.93 -0.67 -8.02
N GLY B 130 -22.84 -0.32 -9.31
CA GLY B 130 -23.01 -1.27 -10.43
C GLY B 130 -22.12 -2.49 -10.31
N GLN B 131 -20.82 -2.25 -10.10
CA GLN B 131 -19.79 -3.32 -10.07
C GLN B 131 -20.06 -4.19 -8.84
N PHE B 132 -20.38 -3.57 -7.70
CA PHE B 132 -20.72 -4.27 -6.42
C PHE B 132 -21.89 -5.24 -6.70
N PHE B 133 -22.91 -4.78 -7.40
CA PHE B 133 -24.15 -5.57 -7.61
C PHE B 133 -23.94 -6.58 -8.75
N VAL B 134 -23.08 -6.28 -9.72
CA VAL B 134 -22.57 -7.29 -10.68
C VAL B 134 -21.95 -8.43 -9.86
N ALA B 135 -21.07 -8.10 -8.92
CA ALA B 135 -20.35 -9.06 -8.06
C ALA B 135 -21.35 -9.86 -7.23
N ARG B 136 -22.40 -9.21 -6.69
CA ARG B 136 -23.43 -9.88 -5.86
C ARG B 136 -24.01 -11.04 -6.69
N GLU B 137 -24.70 -10.74 -7.79
CA GLU B 137 -25.40 -11.75 -8.63
C GLU B 137 -24.40 -12.78 -9.20
N ALA B 138 -23.14 -12.39 -9.44
CA ALA B 138 -22.06 -13.33 -9.85
C ALA B 138 -21.92 -14.43 -8.78
N TYR B 139 -21.82 -14.07 -7.51
CA TYR B 139 -21.69 -15.07 -6.42
C TYR B 139 -22.92 -16.00 -6.39
N LYS B 140 -24.13 -15.44 -6.50
CA LYS B 140 -25.41 -16.19 -6.39
C LYS B 140 -25.55 -17.15 -7.57
N HIS B 141 -25.27 -16.69 -8.79
CA HIS B 141 -25.43 -17.44 -10.06
C HIS B 141 -24.22 -18.33 -10.37
N LEU B 142 -23.05 -18.06 -9.80
CA LEU B 142 -21.79 -18.70 -10.29
C LEU B 142 -21.70 -20.11 -9.74
N ASN B 143 -20.99 -20.99 -10.45
CA ASN B 143 -20.63 -22.36 -10.01
C ASN B 143 -19.47 -22.31 -9.01
N ASN B 144 -19.25 -23.39 -8.29
CA ASN B 144 -18.11 -23.54 -7.36
C ASN B 144 -16.81 -23.58 -8.18
N GLY B 145 -15.74 -22.96 -7.64
CA GLY B 145 -14.40 -22.85 -8.27
C GLY B 145 -14.31 -21.71 -9.26
N GLY B 146 -15.32 -20.84 -9.23
CA GLY B 146 -15.52 -19.77 -10.23
C GLY B 146 -14.64 -18.57 -9.97
N ARG B 147 -14.95 -17.48 -10.68
CA ARG B 147 -14.05 -16.32 -10.84
C ARG B 147 -14.90 -15.07 -10.99
N ILE B 148 -14.81 -14.15 -10.03
CA ILE B 148 -15.21 -12.74 -10.24
C ILE B 148 -13.93 -11.95 -10.48
N ILE B 149 -14.06 -10.92 -11.31
CA ILE B 149 -12.94 -9.99 -11.70
C ILE B 149 -13.56 -8.59 -11.84
N MET B 150 -12.99 -7.59 -11.19
CA MET B 150 -13.54 -6.22 -11.21
C MET B 150 -12.45 -5.29 -11.75
N THR B 151 -12.85 -4.13 -12.29
CA THR B 151 -11.90 -3.18 -12.91
C THR B 151 -11.79 -1.88 -12.09
N SER B 152 -10.58 -1.53 -11.67
CA SER B 152 -10.33 -0.25 -10.97
C SER B 152 -9.56 0.71 -11.88
N SER B 153 -8.51 1.35 -11.37
CA SER B 153 -7.68 2.29 -12.15
C SER B 153 -6.34 2.46 -11.42
N ASN B 154 -5.26 2.74 -12.14
CA ASN B 154 -3.96 3.00 -11.49
C ASN B 154 -4.08 4.32 -10.73
N THR B 155 -5.10 5.10 -11.06
CA THR B 155 -5.32 6.43 -10.43
C THR B 155 -5.89 6.22 -9.03
N SER B 156 -6.59 5.12 -8.81
CA SER B 156 -7.21 4.86 -7.50
C SER B 156 -6.22 5.30 -6.42
N ARG B 157 -4.98 4.84 -6.49
CA ARG B 157 -4.01 5.16 -5.42
C ARG B 157 -2.61 5.44 -5.96
N ASP B 158 -2.16 4.69 -6.97
CA ASP B 158 -0.84 4.96 -7.60
C ASP B 158 -0.88 6.34 -8.28
N PHE B 159 -1.40 6.41 -9.50
CA PHE B 159 -1.51 7.69 -10.23
C PHE B 159 -2.28 8.70 -9.36
N SER B 160 -1.87 9.97 -9.40
CA SER B 160 -2.55 11.02 -8.59
C SER B 160 -3.00 12.17 -9.50
N VAL B 161 -3.95 11.89 -10.41
CA VAL B 161 -4.43 12.94 -11.36
C VAL B 161 -5.38 13.88 -10.62
N PRO B 162 -5.11 15.20 -10.57
CA PRO B 162 -6.04 16.17 -9.96
C PRO B 162 -7.34 16.25 -10.78
N LYS B 163 -8.36 16.94 -10.28
CA LYS B 163 -9.55 17.02 -11.15
C LYS B 163 -9.84 15.60 -11.64
N PHE B 164 -9.44 14.58 -10.90
CA PHE B 164 -9.80 13.16 -11.21
C PHE B 164 -10.35 12.46 -9.96
N SER B 165 -10.79 13.22 -8.96
CA SER B 165 -11.13 12.71 -7.60
C SER B 165 -12.38 11.84 -7.68
N LEU B 166 -13.42 12.32 -8.36
CA LEU B 166 -14.71 11.59 -8.46
C LEU B 166 -14.45 10.22 -9.06
N TYR B 167 -13.69 10.14 -10.16
CA TYR B 167 -13.38 8.88 -10.87
C TYR B 167 -12.55 7.96 -9.97
N SER B 168 -11.43 8.45 -9.44
CA SER B 168 -10.45 7.68 -8.62
C SER B 168 -11.10 7.06 -7.38
N GLY B 169 -11.81 7.88 -6.59
CA GLY B 169 -12.65 7.42 -5.48
C GLY B 169 -13.60 6.31 -5.91
N SER B 170 -14.24 6.44 -7.07
CA SER B 170 -15.23 5.46 -7.58
C SER B 170 -14.55 4.09 -7.68
N LYS B 171 -13.24 4.05 -7.94
CA LYS B 171 -12.44 2.81 -8.13
C LYS B 171 -11.70 2.46 -6.83
N GLY B 172 -11.40 3.42 -5.99
CA GLY B 172 -10.86 3.17 -4.65
C GLY B 172 -11.73 2.21 -3.86
N ALA B 173 -13.05 2.33 -4.01
CA ALA B 173 -14.07 1.44 -3.39
C ALA B 173 -13.90 0.03 -3.94
N ILE B 174 -13.60 -0.10 -5.24
CA ILE B 174 -13.33 -1.41 -5.91
C ILE B 174 -12.13 -2.06 -5.21
N ASP B 175 -11.04 -1.32 -5.06
CA ASP B 175 -9.82 -1.81 -4.36
C ASP B 175 -10.17 -2.42 -3.00
N SER B 176 -11.17 -1.89 -2.27
CA SER B 176 -11.49 -2.31 -0.88
C SER B 176 -12.50 -3.47 -0.86
N PHE B 177 -13.37 -3.52 -1.88
CA PHE B 177 -14.36 -4.59 -2.10
C PHE B 177 -13.61 -5.91 -2.31
N VAL B 178 -12.59 -5.96 -3.17
CA VAL B 178 -12.00 -7.24 -3.67
C VAL B 178 -11.35 -8.06 -2.53
N ARG B 179 -10.53 -7.45 -1.64
CA ARG B 179 -9.83 -8.15 -0.52
C ARG B 179 -10.87 -8.80 0.42
N ILE B 180 -12.06 -8.21 0.56
CA ILE B 180 -13.13 -8.67 1.50
C ILE B 180 -14.06 -9.65 0.75
N PHE B 181 -14.39 -9.37 -0.51
CA PHE B 181 -15.26 -10.24 -1.34
C PHE B 181 -14.63 -11.63 -1.37
N SER B 182 -13.29 -11.68 -1.43
CA SER B 182 -12.49 -12.93 -1.53
C SER B 182 -12.67 -13.79 -0.26
N LYS B 183 -12.82 -13.15 0.91
CA LYS B 183 -13.25 -13.84 2.16
C LYS B 183 -14.67 -14.39 1.95
N ASP B 184 -15.64 -13.52 1.64
CA ASP B 184 -17.07 -13.90 1.51
C ASP B 184 -17.15 -15.02 0.47
N CYS B 185 -16.56 -14.83 -0.71
CA CYS B 185 -16.76 -15.69 -1.90
C CYS B 185 -15.98 -17.01 -1.77
N GLY B 186 -15.19 -17.19 -0.70
CA GLY B 186 -14.45 -18.44 -0.43
C GLY B 186 -15.33 -19.65 -0.16
N ASP B 187 -16.57 -19.43 0.30
CA ASP B 187 -17.46 -20.54 0.74
C ASP B 187 -18.30 -21.02 -0.45
N LYS B 188 -17.96 -20.56 -1.67
CA LYS B 188 -18.35 -21.18 -2.96
C LYS B 188 -17.07 -21.40 -3.78
N LYS B 189 -15.93 -21.50 -3.09
CA LYS B 189 -14.53 -21.59 -3.62
C LYS B 189 -14.33 -20.71 -4.86
N ILE B 190 -14.86 -19.48 -4.83
CA ILE B 190 -14.80 -18.44 -5.90
C ILE B 190 -13.68 -17.45 -5.54
N THR B 191 -12.73 -17.14 -6.46
CA THR B 191 -11.67 -16.11 -6.23
C THR B 191 -12.20 -14.77 -6.79
N VAL B 192 -11.96 -13.68 -6.05
CA VAL B 192 -12.23 -12.29 -6.50
C VAL B 192 -10.88 -11.55 -6.49
N ASN B 193 -10.55 -10.98 -7.66
CA ASN B 193 -9.39 -10.08 -7.91
C ASN B 193 -9.90 -8.89 -8.73
N ALA B 194 -9.18 -7.75 -8.68
CA ALA B 194 -9.43 -6.59 -9.54
C ALA B 194 -8.24 -6.42 -10.50
N VAL B 195 -8.50 -5.91 -11.71
CA VAL B 195 -7.48 -5.32 -12.62
C VAL B 195 -7.65 -3.79 -12.61
N ALA B 196 -6.53 -3.11 -12.43
CA ALA B 196 -6.50 -1.64 -12.45
C ALA B 196 -5.75 -1.24 -13.71
N PRO B 197 -6.44 -1.00 -14.83
CA PRO B 197 -5.73 -0.70 -16.04
C PRO B 197 -5.03 0.65 -15.93
N GLY B 198 -4.12 0.95 -16.84
CA GLY B 198 -3.42 2.25 -16.82
C GLY B 198 -4.03 3.24 -17.80
N GLY B 199 -3.44 3.36 -19.00
CA GLY B 199 -3.98 4.27 -20.03
C GLY B 199 -4.34 3.51 -21.29
N THR B 200 -5.18 2.48 -21.16
CA THR B 200 -5.58 1.62 -22.31
C THR B 200 -6.17 2.47 -23.44
N VAL B 201 -5.75 2.22 -24.68
CA VAL B 201 -6.23 3.01 -25.85
C VAL B 201 -7.67 2.62 -26.21
N THR B 202 -8.65 3.46 -25.87
CA THR B 202 -10.08 3.22 -26.18
C THR B 202 -10.76 4.57 -26.38
N ASP B 203 -12.08 4.63 -26.55
CA ASP B 203 -12.78 5.93 -26.65
C ASP B 203 -12.57 6.70 -25.33
N MET B 204 -12.51 5.99 -24.19
CA MET B 204 -12.37 6.60 -22.84
C MET B 204 -11.00 7.30 -22.74
N PHE B 205 -9.90 6.60 -23.02
CA PHE B 205 -8.54 7.17 -22.97
C PHE B 205 -8.46 8.46 -23.79
N HIS B 206 -9.14 8.52 -24.91
CA HIS B 206 -9.09 9.72 -25.77
C HIS B 206 -9.85 10.89 -25.13
N ASP B 207 -10.95 10.61 -24.42
CA ASP B 207 -11.78 11.66 -23.77
C ASP B 207 -11.04 12.22 -22.54
N VAL B 208 -10.10 11.46 -22.00
CA VAL B 208 -9.34 11.88 -20.79
C VAL B 208 -7.97 12.40 -21.20
N SER B 209 -7.57 12.24 -22.44
CA SER B 209 -6.28 12.82 -22.90
C SER B 209 -6.50 14.30 -23.22
N GLN B 210 -7.72 14.65 -23.64
CA GLN B 210 -8.07 16.06 -23.93
C GLN B 210 -8.17 16.78 -22.59
N HIS B 211 -7.25 16.49 -21.68
CA HIS B 211 -7.31 17.10 -20.33
C HIS B 211 -5.90 17.09 -19.76
N TYR B 219 -6.50 19.67 -30.64
CA TYR B 219 -5.49 18.57 -30.64
C TYR B 219 -6.09 17.30 -31.28
N THR B 220 -5.23 16.29 -31.50
CA THR B 220 -5.53 14.97 -32.14
C THR B 220 -5.69 13.87 -31.10
N PRO B 221 -6.55 12.85 -31.35
CA PRO B 221 -6.56 11.61 -30.54
C PRO B 221 -5.18 10.94 -30.42
N GLU B 222 -4.50 10.74 -31.57
CA GLU B 222 -3.25 9.93 -31.66
C GLU B 222 -2.03 10.79 -31.30
N GLU B 223 -2.05 12.10 -31.59
CA GLU B 223 -0.95 13.04 -31.23
C GLU B 223 -0.79 13.05 -29.70
N ARG B 224 -1.89 13.31 -28.98
CA ARG B 224 -2.00 13.14 -27.50
C ARG B 224 -1.46 11.75 -27.09
N GLN B 225 -2.06 10.68 -27.65
CA GLN B 225 -1.66 9.24 -27.48
C GLN B 225 -0.14 9.09 -27.57
N LYS B 226 0.53 9.70 -28.55
CA LYS B 226 1.99 9.60 -28.79
C LYS B 226 2.81 10.19 -27.61
N MET B 227 2.17 10.90 -26.69
CA MET B 227 2.91 11.42 -25.51
C MET B 227 2.96 10.34 -24.43
N ALA B 228 1.83 9.66 -24.21
CA ALA B 228 1.74 8.64 -23.14
C ALA B 228 2.69 7.47 -23.37
N ALA B 229 3.02 7.17 -24.61
CA ALA B 229 4.01 6.10 -24.87
C ALA B 229 5.35 6.49 -24.28
N HIS B 230 5.74 7.74 -24.43
CA HIS B 230 7.05 8.22 -23.92
C HIS B 230 7.04 8.27 -22.38
N ALA B 231 6.20 7.45 -21.75
CA ALA B 231 6.07 7.48 -20.28
C ALA B 231 6.09 6.05 -19.74
N SER B 232 6.03 5.04 -20.61
CA SER B 232 6.18 3.64 -20.16
C SER B 232 7.62 3.22 -20.46
N PRO B 233 8.31 2.58 -19.50
CA PRO B 233 9.68 2.16 -19.71
C PRO B 233 9.70 1.26 -20.96
N LEU B 234 8.52 0.81 -21.39
CA LEU B 234 8.44 -0.04 -22.60
C LEU B 234 8.10 0.80 -23.87
N HIS B 235 8.03 2.14 -23.74
CA HIS B 235 7.83 3.08 -24.86
C HIS B 235 6.76 2.53 -25.80
N ARG B 236 5.56 2.26 -25.29
CA ARG B 236 4.34 2.09 -26.11
C ARG B 236 3.14 2.39 -25.20
N ASN B 237 1.96 2.61 -25.76
CA ASN B 237 0.73 2.72 -24.94
C ASN B 237 0.34 1.30 -24.50
N GLY B 238 -0.40 1.19 -23.40
CA GLY B 238 -1.19 -0.02 -23.12
C GLY B 238 -2.39 -0.08 -24.05
N PHE B 239 -2.73 -1.26 -24.55
CA PHE B 239 -3.87 -1.47 -25.46
C PHE B 239 -4.81 -2.48 -24.80
N PRO B 240 -6.12 -2.51 -25.13
CA PRO B 240 -7.08 -3.43 -24.50
C PRO B 240 -6.60 -4.88 -24.29
N GLU B 241 -5.90 -5.46 -25.26
CA GLU B 241 -5.47 -6.88 -25.19
C GLU B 241 -4.32 -7.05 -24.19
N ASP B 242 -3.82 -5.97 -23.61
CA ASP B 242 -2.74 -6.02 -22.60
C ASP B 242 -3.40 -6.29 -21.24
N ILE B 243 -4.63 -5.84 -21.09
CA ILE B 243 -5.38 -6.04 -19.82
C ILE B 243 -6.07 -7.38 -19.96
N ALA B 244 -6.65 -7.64 -21.11
CA ALA B 244 -7.32 -8.93 -21.37
C ALA B 244 -6.42 -10.08 -20.93
N ARG B 245 -5.17 -10.08 -21.35
CA ARG B 245 -4.24 -11.20 -21.05
C ARG B 245 -4.04 -11.41 -19.55
N VAL B 246 -4.19 -10.36 -18.73
CA VAL B 246 -4.02 -10.48 -17.26
C VAL B 246 -5.29 -11.06 -16.66
N VAL B 247 -6.46 -10.73 -17.21
CA VAL B 247 -7.76 -11.28 -16.73
C VAL B 247 -7.88 -12.75 -17.14
N GLY B 248 -7.37 -13.10 -18.32
CA GLY B 248 -7.38 -14.50 -18.74
C GLY B 248 -6.60 -15.39 -17.81
N PHE B 249 -5.40 -14.95 -17.42
CA PHE B 249 -4.62 -15.73 -16.43
C PHE B 249 -5.42 -15.86 -15.12
N LEU B 250 -5.89 -14.74 -14.55
CA LEU B 250 -6.60 -14.70 -13.25
C LEU B 250 -7.86 -15.59 -13.21
N VAL B 251 -8.66 -15.70 -14.30
CA VAL B 251 -9.90 -16.55 -14.37
C VAL B 251 -9.54 -17.97 -14.83
N SER B 252 -8.26 -18.24 -15.09
CA SER B 252 -7.75 -19.61 -15.35
C SER B 252 -7.68 -20.37 -14.02
N ALA B 253 -7.74 -21.70 -14.11
CA ALA B 253 -7.42 -22.62 -12.99
C ALA B 253 -6.02 -22.26 -12.45
N GLU B 254 -5.06 -22.09 -13.34
CA GLU B 254 -3.62 -21.94 -12.99
C GLU B 254 -3.51 -20.84 -11.92
N GLY B 255 -4.17 -19.71 -12.13
CA GLY B 255 -3.98 -18.47 -11.34
C GLY B 255 -4.98 -18.35 -10.21
N GLU B 256 -5.37 -19.48 -9.60
CA GLU B 256 -6.32 -19.53 -8.46
C GLU B 256 -5.67 -18.88 -7.23
N TRP B 257 -4.36 -19.00 -7.05
CA TRP B 257 -3.70 -18.62 -5.77
C TRP B 257 -3.43 -17.12 -5.72
N ILE B 258 -3.73 -16.36 -6.79
CA ILE B 258 -3.90 -14.87 -6.70
C ILE B 258 -5.36 -14.64 -6.33
N ASN B 259 -5.62 -14.10 -5.13
CA ASN B 259 -6.98 -13.92 -4.56
C ASN B 259 -7.00 -12.72 -3.61
N GLY B 260 -8.01 -11.85 -3.76
CA GLY B 260 -8.18 -10.61 -2.98
C GLY B 260 -7.15 -9.54 -3.36
N LYS B 261 -6.66 -9.56 -4.60
CA LYS B 261 -5.57 -8.65 -5.02
C LYS B 261 -6.03 -7.70 -6.12
N VAL B 262 -5.48 -6.49 -6.10
CA VAL B 262 -5.58 -5.52 -7.22
C VAL B 262 -4.27 -5.61 -7.99
N LEU B 263 -4.29 -6.23 -9.17
CA LEU B 263 -3.20 -6.18 -10.18
C LEU B 263 -3.26 -4.85 -10.93
N THR B 264 -2.11 -4.23 -11.12
CA THR B 264 -2.04 -2.94 -11.85
C THR B 264 -1.30 -3.19 -13.16
N VAL B 265 -1.97 -2.91 -14.27
CA VAL B 265 -1.37 -3.21 -15.60
C VAL B 265 -1.16 -1.90 -16.36
N ASP B 266 0.01 -1.30 -16.17
CA ASP B 266 0.32 0.05 -16.72
C ASP B 266 1.66 0.05 -17.48
N GLY B 267 2.48 -0.98 -17.30
CA GLY B 267 3.75 -1.09 -18.02
C GLY B 267 4.89 -0.35 -17.36
N GLY B 268 4.70 0.10 -16.12
CA GLY B 268 5.73 0.87 -15.39
C GLY B 268 5.47 2.34 -15.60
N ALA B 269 4.31 2.65 -16.14
CA ALA B 269 3.92 4.04 -16.53
C ALA B 269 4.13 5.00 -15.36
N ILE C 12 1.32 19.42 29.26
CA ILE C 12 1.36 20.54 28.25
C ILE C 12 1.33 19.95 26.84
N PRO C 13 0.78 20.65 25.82
CA PRO C 13 0.61 20.07 24.47
C PRO C 13 1.88 19.45 23.87
N GLY C 14 1.92 18.13 23.73
CA GLY C 14 3.05 17.51 23.02
C GLY C 14 4.41 18.01 23.46
N ARG C 15 4.55 18.39 24.73
CA ARG C 15 5.86 18.84 25.26
C ARG C 15 6.62 17.61 25.75
N LEU C 16 7.94 17.72 25.89
CA LEU C 16 8.76 16.54 26.24
C LEU C 16 9.53 16.85 27.52
N ASP C 17 8.96 17.71 28.37
CA ASP C 17 9.55 18.09 29.68
C ASP C 17 9.71 16.83 30.53
N GLY C 18 10.96 16.42 30.74
CA GLY C 18 11.33 15.30 31.64
C GLY C 18 11.84 14.12 30.87
N LYS C 19 11.76 14.19 29.54
CA LYS C 19 12.28 13.18 28.59
C LYS C 19 13.71 13.52 28.20
N VAL C 20 14.43 12.49 27.77
CA VAL C 20 15.75 12.54 27.09
C VAL C 20 15.55 11.88 25.73
N ALA C 21 15.99 12.52 24.66
CA ALA C 21 15.98 11.97 23.29
C ALA C 21 17.42 11.78 22.81
N LEU C 22 17.57 11.02 21.73
CA LEU C 22 18.83 10.83 20.99
C LEU C 22 18.49 10.85 19.51
N VAL C 23 19.23 11.64 18.73
CA VAL C 23 19.02 11.77 17.25
C VAL C 23 20.35 11.45 16.55
N THR C 24 20.36 10.46 15.65
CA THR C 24 21.59 10.08 14.92
C THR C 24 21.80 11.06 13.77
N GLY C 25 23.03 11.52 13.56
CA GLY C 25 23.35 12.48 12.48
C GLY C 25 22.62 13.79 12.68
N SER C 26 22.45 14.21 13.94
CA SER C 26 21.74 15.44 14.34
C SER C 26 22.68 16.66 14.35
N GLY C 27 23.88 16.52 13.76
CA GLY C 27 24.82 17.65 13.68
C GLY C 27 24.45 18.57 12.53
N ARG C 28 23.90 17.99 11.48
CA ARG C 28 23.49 18.75 10.28
C ARG C 28 22.36 17.99 9.60
N GLY C 29 21.38 18.69 9.04
CA GLY C 29 20.32 18.04 8.25
C GLY C 29 19.01 17.97 9.03
N ILE C 30 17.99 17.31 8.48
CA ILE C 30 16.71 17.14 9.20
C ILE C 30 17.01 16.84 10.66
N GLY C 31 18.08 16.11 10.93
CA GLY C 31 18.42 15.68 12.31
C GLY C 31 18.70 16.85 13.21
N ALA C 32 19.56 17.74 12.78
CA ALA C 32 19.85 18.96 13.56
C ALA C 32 18.52 19.61 13.91
N ALA C 33 17.58 19.57 12.98
CA ALA C 33 16.29 20.22 13.21
C ALA C 33 15.42 19.39 14.15
N VAL C 34 15.47 18.07 14.03
CA VAL C 34 14.73 17.20 14.98
C VAL C 34 15.35 17.43 16.36
N ALA C 35 16.67 17.55 16.39
CA ALA C 35 17.36 17.79 17.68
C ALA C 35 16.91 19.13 18.25
N VAL C 36 16.97 20.21 17.46
CA VAL C 36 16.58 21.56 17.96
C VAL C 36 15.10 21.52 18.36
N HIS C 37 14.28 20.75 17.64
CA HIS C 37 12.80 20.69 17.85
C HIS C 37 12.48 20.00 19.18
N LEU C 38 13.11 18.85 19.46
CA LEU C 38 12.87 18.06 20.70
C LEU C 38 13.35 18.87 21.89
N GLY C 39 14.50 19.53 21.75
CA GLY C 39 14.96 20.61 22.64
C GLY C 39 13.85 21.63 22.87
N LEU C 40 13.38 22.29 21.82
CA LEU C 40 12.34 23.36 21.91
C LEU C 40 11.15 22.89 22.78
N LEU C 41 10.76 21.62 22.66
CA LEU C 41 9.59 21.01 23.39
C LEU C 41 10.01 20.46 24.77
N GLY C 42 11.21 20.78 25.25
CA GLY C 42 11.57 20.58 26.68
C GLY C 42 12.31 19.29 26.94
N ALA C 43 12.66 18.54 25.89
CA ALA C 43 13.46 17.31 25.99
C ALA C 43 14.92 17.70 26.07
N LYS C 44 15.71 16.90 26.79
CA LYS C 44 17.18 16.84 26.74
C LYS C 44 17.59 15.93 25.57
N VAL C 45 18.65 16.30 24.85
CA VAL C 45 18.93 15.76 23.50
C VAL C 45 20.38 15.30 23.48
N VAL C 46 20.63 14.03 23.21
CA VAL C 46 21.96 13.56 22.73
C VAL C 46 22.03 13.82 21.22
N VAL C 47 23.08 14.51 20.81
CA VAL C 47 23.31 14.94 19.41
C VAL C 47 24.41 14.05 18.86
N ASN C 48 24.11 13.15 17.91
CA ASN C 48 25.12 12.20 17.39
C ASN C 48 25.68 12.69 16.04
N TYR C 49 27.00 12.78 15.95
CA TYR C 49 27.75 13.09 14.72
C TYR C 49 28.74 11.94 14.49
N ALA C 50 29.37 11.93 13.32
CA ALA C 50 30.52 11.04 13.02
C ALA C 50 31.64 11.86 12.38
N ASN C 51 31.30 12.76 11.45
CA ASN C 51 32.30 13.48 10.62
C ASN C 51 32.31 14.98 10.94
N SER C 52 31.23 15.54 11.50
CA SER C 52 31.01 17.01 11.57
C SER C 52 30.82 17.48 13.02
N PRO C 53 31.89 17.46 13.84
CA PRO C 53 31.80 17.91 15.24
C PRO C 53 31.44 19.40 15.41
N THR C 54 31.88 20.23 14.47
CA THR C 54 31.73 21.72 14.55
C THR C 54 30.24 22.07 14.39
N HIS C 55 29.56 21.43 13.42
CA HIS C 55 28.09 21.48 13.20
C HIS C 55 27.30 21.03 14.46
N ALA C 56 27.62 19.83 14.96
CA ALA C 56 27.04 19.22 16.19
C ALA C 56 27.17 20.19 17.36
N GLN C 57 28.37 20.72 17.59
CA GLN C 57 28.59 21.74 18.65
C GLN C 57 27.62 22.92 18.44
N LYS C 58 27.35 23.34 17.20
CA LYS C 58 26.40 24.46 16.93
C LYS C 58 25.02 24.04 17.44
N VAL C 59 24.60 22.81 17.13
CA VAL C 59 23.26 22.29 17.56
C VAL C 59 23.18 22.28 19.10
N VAL C 60 24.15 21.64 19.76
CA VAL C 60 24.15 21.52 21.24
C VAL C 60 23.89 22.90 21.83
N ASP C 61 24.63 23.92 21.39
CA ASP C 61 24.57 25.31 21.95
C ASP C 61 23.14 25.83 21.74
N GLU C 62 22.63 25.66 20.54
CA GLU C 62 21.28 26.13 20.12
C GLU C 62 20.19 25.48 20.99
N ILE C 63 20.41 24.27 21.53
CA ILE C 63 19.47 23.59 22.48
C ILE C 63 19.73 24.11 23.89
N LYS C 64 20.98 24.32 24.30
CA LYS C 64 21.32 25.04 25.56
C LYS C 64 20.65 26.42 25.52
N GLN C 65 20.66 27.05 24.34
CA GLN C 65 20.32 28.48 24.11
C GLN C 65 18.80 28.72 24.21
N LEU C 66 17.96 27.68 24.17
CA LEU C 66 16.51 27.80 24.44
C LEU C 66 16.14 26.98 25.70
N GLY C 67 17.12 26.78 26.58
CA GLY C 67 16.89 26.35 27.98
C GLY C 67 16.60 24.88 28.10
N SER C 68 17.25 24.04 27.31
CA SER C 68 17.29 22.56 27.47
C SER C 68 18.76 22.12 27.44
N ASP C 69 19.12 21.06 28.18
CA ASP C 69 20.50 20.53 28.23
C ASP C 69 20.75 19.62 27.01
N ALA C 70 22.01 19.36 26.68
CA ALA C 70 22.43 18.55 25.50
C ALA C 70 23.94 18.31 25.46
N ILE C 71 24.36 17.29 24.71
CA ILE C 71 25.77 16.83 24.54
C ILE C 71 25.98 16.33 23.11
N ALA C 72 27.20 16.39 22.60
CA ALA C 72 27.60 15.78 21.30
C ALA C 72 28.34 14.46 21.58
N ILE C 73 27.98 13.37 20.88
CA ILE C 73 28.69 12.06 20.99
C ILE C 73 29.03 11.52 19.59
N LYS C 74 30.33 11.42 19.29
CA LYS C 74 30.85 10.79 18.05
C LYS C 74 30.49 9.30 18.12
N ALA C 75 29.98 8.77 17.00
CA ALA C 75 29.67 7.34 16.87
C ALA C 75 29.37 7.06 15.39
N ASP C 76 30.07 6.11 14.77
CA ASP C 76 29.76 5.71 13.38
C ASP C 76 28.67 4.64 13.44
N VAL C 77 27.47 4.99 12.99
CA VAL C 77 26.32 4.07 13.10
C VAL C 77 26.43 2.98 12.02
N ARG C 78 27.62 2.81 11.45
CA ARG C 78 27.87 1.68 10.51
C ARG C 78 28.54 0.61 11.37
N GLN C 79 29.41 1.01 12.29
CA GLN C 79 30.04 0.13 13.31
C GLN C 79 29.05 -0.06 14.46
N VAL C 80 28.47 -1.25 14.59
CA VAL C 80 27.56 -1.62 15.72
C VAL C 80 28.24 -1.32 17.06
N PRO C 81 29.53 -1.69 17.30
CA PRO C 81 30.16 -1.45 18.59
C PRO C 81 30.01 0.01 19.04
N GLU C 82 30.26 0.95 18.10
CA GLU C 82 30.10 2.40 18.33
C GLU C 82 28.62 2.75 18.59
N ILE C 83 27.64 2.04 17.99
CA ILE C 83 26.18 2.26 18.28
C ILE C 83 25.95 1.96 19.76
N VAL C 84 26.56 0.88 20.27
CA VAL C 84 26.40 0.32 21.64
C VAL C 84 26.96 1.34 22.65
N ARG C 85 28.14 1.91 22.35
CA ARG C 85 28.82 2.88 23.25
C ARG C 85 27.92 4.12 23.35
N LEU C 86 27.52 4.69 22.20
CA LEU C 86 26.67 5.91 22.04
C LEU C 86 25.43 5.80 22.93
N PHE C 87 24.78 4.64 22.96
CA PHE C 87 23.57 4.38 23.76
C PHE C 87 23.97 4.17 25.23
N ASP C 88 25.10 3.51 25.50
CA ASP C 88 25.62 3.34 26.88
C ASP C 88 25.87 4.76 27.42
N GLU C 89 26.62 5.59 26.68
CA GLU C 89 27.08 6.93 27.17
C GLU C 89 25.89 7.88 27.33
N ALA C 90 24.93 7.89 26.40
CA ALA C 90 23.68 8.66 26.47
C ALA C 90 22.94 8.37 27.79
N VAL C 91 22.80 7.11 28.19
CA VAL C 91 22.07 6.72 29.44
C VAL C 91 22.93 7.08 30.64
N ALA C 92 24.26 6.93 30.49
CA ALA C 92 25.27 7.29 31.50
C ALA C 92 25.11 8.76 31.86
N HIS C 93 25.02 9.65 30.87
CA HIS C 93 24.93 11.11 31.12
C HIS C 93 23.58 11.56 31.68
N PHE C 94 22.48 11.13 31.09
CA PHE C 94 21.16 11.63 31.54
C PHE C 94 20.41 10.60 32.39
N GLY C 95 20.93 9.37 32.51
CA GLY C 95 20.33 8.35 33.39
C GLY C 95 19.05 7.77 32.85
N GLN C 96 18.77 8.01 31.58
CA GLN C 96 17.49 7.59 30.98
C GLN C 96 17.48 7.96 29.51
N LEU C 97 16.69 7.26 28.72
CA LEU C 97 16.51 7.61 27.30
C LEU C 97 15.07 7.23 27.01
N ASP C 98 14.32 8.17 26.48
CA ASP C 98 12.88 7.92 26.26
C ASP C 98 12.63 7.86 24.75
N ILE C 99 13.33 8.68 23.99
CA ILE C 99 13.11 8.82 22.52
C ILE C 99 14.45 8.51 21.86
N ALA C 100 14.42 7.89 20.69
CA ALA C 100 15.60 7.56 19.87
C ALA C 100 15.21 7.72 18.40
N VAL C 101 15.80 8.72 17.70
CA VAL C 101 15.54 8.99 16.26
C VAL C 101 16.74 8.55 15.43
N SER C 102 16.53 7.50 14.63
CA SER C 102 17.43 7.02 13.55
C SER C 102 17.29 7.96 12.34
N ASN C 103 18.25 8.88 12.14
CA ASN C 103 18.24 9.91 11.08
C ASN C 103 19.34 9.64 10.04
N SER C 104 20.57 9.39 10.48
CA SER C 104 21.78 9.25 9.62
C SER C 104 21.49 8.34 8.43
N GLY C 105 21.70 8.88 7.23
CA GLY C 105 21.61 8.16 5.94
C GLY C 105 22.45 8.86 4.89
N VAL C 106 22.72 8.17 3.79
CA VAL C 106 23.50 8.67 2.62
C VAL C 106 22.67 8.44 1.36
N VAL C 107 23.03 9.11 0.26
CA VAL C 107 22.31 9.02 -1.04
C VAL C 107 23.24 8.36 -2.07
N SER C 108 22.66 7.80 -3.14
CA SER C 108 23.38 7.08 -4.22
C SER C 108 22.54 7.12 -5.50
N PHE C 109 23.19 7.42 -6.63
CA PHE C 109 22.58 7.48 -7.98
C PHE C 109 23.25 6.44 -8.86
N GLY C 110 22.50 5.89 -9.80
CA GLY C 110 23.09 4.94 -10.74
C GLY C 110 22.05 4.04 -11.32
N HIS C 111 22.17 3.79 -12.62
CA HIS C 111 21.55 2.64 -13.31
C HIS C 111 21.98 1.35 -12.57
N LEU C 112 21.09 0.37 -12.49
CA LEU C 112 21.32 -0.95 -11.86
C LEU C 112 22.58 -1.60 -12.47
N LYS C 113 22.86 -1.35 -13.76
CA LYS C 113 23.99 -2.02 -14.48
C LYS C 113 25.33 -1.53 -13.92
N ASP C 114 25.36 -0.34 -13.31
CA ASP C 114 26.60 0.36 -12.87
C ASP C 114 26.85 0.14 -11.37
N VAL C 115 25.83 -0.22 -10.61
CA VAL C 115 25.97 -0.29 -9.12
C VAL C 115 27.01 -1.34 -8.75
N THR C 116 27.82 -1.02 -7.76
CA THR C 116 28.94 -1.92 -7.38
C THR C 116 28.69 -2.52 -5.99
N GLU C 117 29.35 -3.63 -5.70
CA GLU C 117 29.26 -4.28 -4.37
C GLU C 117 29.64 -3.26 -3.34
N GLU C 118 30.67 -2.49 -3.63
CA GLU C 118 31.16 -1.46 -2.69
C GLU C 118 30.05 -0.45 -2.44
N GLU C 119 29.50 0.13 -3.51
CA GLU C 119 28.45 1.17 -3.37
C GLU C 119 27.27 0.64 -2.57
N PHE C 120 26.75 -0.54 -2.93
CA PHE C 120 25.64 -1.17 -2.19
C PHE C 120 25.96 -1.26 -0.72
N ASP C 121 27.18 -1.66 -0.40
CA ASP C 121 27.55 -1.89 1.02
C ASP C 121 27.77 -0.54 1.71
N ARG C 122 28.24 0.46 0.99
CA ARG C 122 28.40 1.83 1.58
C ARG C 122 27.01 2.30 2.05
N VAL C 123 26.00 2.16 1.17
CA VAL C 123 24.60 2.58 1.42
C VAL C 123 24.01 1.74 2.55
N PHE C 124 23.89 0.43 2.31
CA PHE C 124 23.13 -0.51 3.16
C PHE C 124 23.69 -0.50 4.58
N SER C 125 25.02 -0.58 4.72
CA SER C 125 25.77 -0.52 6.02
C SER C 125 25.15 0.53 6.95
N LEU C 126 24.78 1.70 6.40
CA LEU C 126 24.31 2.89 7.17
C LEU C 126 22.78 3.00 7.12
N ASN C 127 22.24 3.09 5.90
CA ASN C 127 20.81 3.43 5.63
C ASN C 127 19.88 2.40 6.25
N THR C 128 20.24 1.12 6.07
CA THR C 128 19.45 -0.09 6.42
C THR C 128 20.04 -0.71 7.69
N ARG C 129 21.23 -1.29 7.58
CA ARG C 129 21.86 -2.13 8.64
C ARG C 129 22.10 -1.26 9.88
N GLY C 130 22.67 -0.07 9.70
CA GLY C 130 22.94 0.87 10.81
C GLY C 130 21.68 1.19 11.61
N GLN C 131 20.60 1.54 10.88
CA GLN C 131 19.30 1.95 11.45
C GLN C 131 18.72 0.78 12.24
N PHE C 132 18.79 -0.43 11.71
CA PHE C 132 18.34 -1.68 12.39
C PHE C 132 18.97 -1.75 13.79
N PHE C 133 20.28 -1.49 13.88
CA PHE C 133 21.08 -1.73 15.10
C PHE C 133 20.95 -0.53 16.04
N VAL C 134 20.83 0.70 15.52
CA VAL C 134 20.37 1.89 16.32
C VAL C 134 19.05 1.48 16.98
N ALA C 135 18.11 0.99 16.18
CA ALA C 135 16.77 0.58 16.64
C ALA C 135 16.90 -0.45 17.79
N ARG C 136 17.65 -1.54 17.57
CA ARG C 136 17.89 -2.64 18.55
C ARG C 136 18.40 -2.04 19.86
N GLU C 137 19.49 -1.28 19.76
CA GLU C 137 20.15 -0.61 20.92
C GLU C 137 19.17 0.37 21.58
N ALA C 138 18.35 1.07 20.79
CA ALA C 138 17.26 1.91 21.33
C ALA C 138 16.37 1.03 22.22
N TYR C 139 15.75 -0.02 21.67
CA TYR C 139 14.90 -0.95 22.43
C TYR C 139 15.57 -1.28 23.77
N LYS C 140 16.83 -1.68 23.73
CA LYS C 140 17.53 -2.25 24.92
C LYS C 140 17.75 -1.20 26.01
N HIS C 141 17.89 0.08 25.68
CA HIS C 141 18.29 1.16 26.62
C HIS C 141 17.11 2.04 27.03
N LEU C 142 15.99 1.91 26.32
CA LEU C 142 14.87 2.89 26.35
C LEU C 142 13.98 2.63 27.57
N ASN C 143 13.53 3.70 28.23
CA ASN C 143 12.50 3.61 29.29
C ASN C 143 11.23 2.97 28.70
N ASN C 144 10.36 2.48 29.56
CA ASN C 144 8.99 2.02 29.19
C ASN C 144 8.21 3.21 28.62
N GLY C 145 7.29 2.96 27.67
CA GLY C 145 6.44 3.96 27.04
C GLY C 145 7.25 4.95 26.23
N GLY C 146 8.40 4.52 25.72
CA GLY C 146 9.36 5.36 24.98
C GLY C 146 9.03 5.32 23.50
N ARG C 147 9.92 5.85 22.66
CA ARG C 147 9.66 6.14 21.23
C ARG C 147 10.87 5.75 20.35
N ILE C 148 10.60 5.26 19.14
CA ILE C 148 11.62 4.98 18.10
C ILE C 148 11.07 5.50 16.78
N ILE C 149 11.85 6.39 16.15
CA ILE C 149 11.64 6.91 14.77
C ILE C 149 12.75 6.37 13.89
N MET C 150 12.39 5.94 12.70
CA MET C 150 13.39 5.56 11.67
C MET C 150 13.11 6.42 10.44
N THR C 151 14.13 6.62 9.60
CA THR C 151 14.01 7.58 8.46
C THR C 151 13.98 6.87 7.10
N SER C 152 12.89 7.04 6.35
CA SER C 152 12.73 6.44 5.00
C SER C 152 12.73 7.52 3.92
N SER C 153 12.06 7.23 2.80
CA SER C 153 11.92 8.19 1.69
C SER C 153 10.55 7.96 1.06
N ASN C 154 10.01 8.94 0.35
CA ASN C 154 8.74 8.74 -0.40
C ASN C 154 9.05 7.83 -1.59
N THR C 155 10.33 7.55 -1.85
CA THR C 155 10.78 6.71 -2.99
C THR C 155 10.76 5.22 -2.60
N SER C 156 10.81 4.88 -1.33
CA SER C 156 10.68 3.45 -0.99
C SER C 156 9.62 2.87 -1.93
N ARG C 157 8.43 3.45 -1.93
CA ARG C 157 7.32 2.94 -2.77
C ARG C 157 6.68 4.07 -3.58
N ASP C 158 5.99 4.99 -2.91
CA ASP C 158 5.26 6.11 -3.57
C ASP C 158 5.85 6.49 -4.94
N PHE C 159 7.09 6.96 -4.99
CA PHE C 159 7.62 7.46 -6.29
C PHE C 159 8.81 6.64 -6.77
N SER C 160 8.97 6.54 -8.08
CA SER C 160 10.07 5.74 -8.67
C SER C 160 10.84 6.60 -9.68
N VAL C 161 12.01 7.07 -9.31
CA VAL C 161 12.87 7.93 -10.17
C VAL C 161 13.91 7.03 -10.81
N PRO C 162 14.35 7.37 -12.01
CA PRO C 162 15.35 6.56 -12.64
C PRO C 162 16.68 6.64 -11.88
N LYS C 163 17.41 5.54 -11.87
CA LYS C 163 18.77 5.45 -11.29
C LYS C 163 18.78 5.78 -9.80
N PHE C 164 17.74 5.39 -9.08
CA PHE C 164 17.63 5.65 -7.63
C PHE C 164 17.27 4.34 -6.92
N SER C 165 17.57 3.22 -7.56
CA SER C 165 17.16 1.85 -7.13
C SER C 165 17.81 1.47 -5.81
N LEU C 166 19.12 1.68 -5.68
CA LEU C 166 19.88 1.27 -4.47
C LEU C 166 19.28 1.99 -3.27
N TYR C 167 19.27 3.32 -3.28
CA TYR C 167 18.81 4.17 -2.15
C TYR C 167 17.39 3.74 -1.77
N SER C 168 16.50 3.66 -2.75
CA SER C 168 15.08 3.34 -2.55
C SER C 168 14.95 2.02 -1.79
N GLY C 169 15.61 0.96 -2.26
CA GLY C 169 15.70 -0.34 -1.58
C GLY C 169 16.11 -0.16 -0.13
N SER C 170 17.19 0.59 0.10
CA SER C 170 17.77 0.81 1.44
C SER C 170 16.65 1.24 2.39
N LYS C 171 15.70 2.04 1.91
CA LYS C 171 14.62 2.64 2.72
C LYS C 171 13.35 1.75 2.72
N GLY C 172 13.14 0.95 1.67
CA GLY C 172 12.06 -0.06 1.63
C GLY C 172 12.21 -1.11 2.73
N ALA C 173 13.43 -1.57 2.95
CA ALA C 173 13.82 -2.37 4.13
C ALA C 173 13.25 -1.70 5.40
N ILE C 174 13.45 -0.39 5.57
CA ILE C 174 13.04 0.36 6.80
C ILE C 174 11.52 0.26 6.98
N ASP C 175 10.75 0.33 5.88
CA ASP C 175 9.27 0.38 5.90
C ASP C 175 8.74 -0.93 6.47
N SER C 176 9.40 -2.03 6.16
CA SER C 176 9.04 -3.38 6.65
C SER C 176 9.44 -3.51 8.13
N PHE C 177 10.60 -2.95 8.51
CA PHE C 177 11.12 -3.03 9.90
C PHE C 177 10.10 -2.44 10.87
N VAL C 178 9.65 -1.21 10.64
CA VAL C 178 8.84 -0.47 11.64
C VAL C 178 7.52 -1.21 11.90
N ARG C 179 6.93 -1.90 10.90
CA ARG C 179 5.61 -2.56 11.10
C ARG C 179 5.81 -3.65 12.17
N ILE C 180 6.88 -4.46 12.03
CA ILE C 180 7.13 -5.64 12.90
C ILE C 180 7.77 -5.14 14.22
N PHE C 181 8.78 -4.27 14.13
CA PHE C 181 9.40 -3.60 15.30
C PHE C 181 8.32 -3.17 16.29
N SER C 182 7.17 -2.63 15.84
CA SER C 182 6.11 -2.04 16.71
C SER C 182 5.48 -3.11 17.61
N LYS C 183 5.53 -4.38 17.17
CA LYS C 183 4.96 -5.55 17.90
C LYS C 183 5.98 -6.04 18.92
N ASP C 184 7.23 -6.25 18.50
CA ASP C 184 8.38 -6.63 19.36
C ASP C 184 8.49 -5.60 20.50
N CYS C 185 8.47 -4.30 20.18
CA CYS C 185 8.80 -3.20 21.12
C CYS C 185 7.61 -2.95 22.07
N GLY C 186 6.43 -3.46 21.70
CA GLY C 186 5.19 -3.31 22.51
C GLY C 186 5.26 -4.10 23.80
N ASP C 187 6.29 -4.93 24.00
CA ASP C 187 6.50 -5.65 25.27
C ASP C 187 7.25 -4.74 26.25
N LYS C 188 7.55 -3.50 25.86
CA LYS C 188 7.97 -2.39 26.76
C LYS C 188 7.15 -1.13 26.42
N LYS C 189 5.97 -1.29 25.82
CA LYS C 189 4.98 -0.22 25.47
C LYS C 189 5.66 0.91 24.67
N ILE C 190 6.72 0.58 23.92
CA ILE C 190 7.46 1.49 23.00
C ILE C 190 6.82 1.44 21.60
N THR C 191 6.56 2.60 21.02
CA THR C 191 5.99 2.69 19.66
C THR C 191 7.14 3.00 18.70
N VAL C 192 7.04 2.44 17.50
CA VAL C 192 8.06 2.48 16.42
C VAL C 192 7.30 2.96 15.18
N ASN C 193 7.83 3.99 14.53
CA ASN C 193 7.24 4.60 13.32
C ASN C 193 8.43 5.07 12.50
N ALA C 194 8.25 5.29 11.21
CA ALA C 194 9.23 5.98 10.37
C ALA C 194 8.56 7.25 9.88
N VAL C 195 9.31 8.34 9.70
CA VAL C 195 8.87 9.46 8.82
C VAL C 195 9.64 9.27 7.53
N ALA C 196 8.95 9.42 6.40
CA ALA C 196 9.45 9.23 5.02
C ALA C 196 9.44 10.58 4.31
N PRO C 197 10.54 11.35 4.50
CA PRO C 197 10.63 12.68 3.93
C PRO C 197 10.57 12.61 2.40
N GLY C 198 10.53 13.77 1.73
CA GLY C 198 10.37 13.71 0.28
C GLY C 198 10.92 14.88 -0.50
N GLY C 199 12.13 15.32 -0.23
CA GLY C 199 12.61 16.52 -0.92
C GLY C 199 12.78 17.63 0.07
N THR C 200 13.28 17.29 1.26
CA THR C 200 13.48 18.27 2.34
C THR C 200 14.81 18.98 2.09
N VAL C 201 14.75 20.29 1.88
CA VAL C 201 15.98 21.05 1.52
C VAL C 201 17.05 20.73 2.55
N THR C 202 18.21 20.26 2.12
CA THR C 202 19.34 19.84 2.99
C THR C 202 20.56 19.74 2.10
N ASP C 203 21.68 19.24 2.64
CA ASP C 203 22.93 19.09 1.86
C ASP C 203 22.75 17.92 0.90
N MET C 204 21.92 16.94 1.26
CA MET C 204 21.64 15.76 0.40
C MET C 204 20.74 16.18 -0.77
N PHE C 205 19.64 16.88 -0.50
CA PHE C 205 18.78 17.39 -1.58
C PHE C 205 19.62 18.00 -2.69
N HIS C 206 20.57 18.86 -2.35
CA HIS C 206 21.39 19.59 -3.36
C HIS C 206 22.14 18.59 -4.24
N ASP C 207 22.46 17.42 -3.70
CA ASP C 207 23.07 16.35 -4.53
C ASP C 207 22.05 15.86 -5.56
N VAL C 208 20.95 15.29 -5.08
CA VAL C 208 19.93 14.62 -5.95
C VAL C 208 19.26 15.70 -6.80
N SER C 209 19.04 16.88 -6.21
CA SER C 209 18.64 18.14 -6.92
C SER C 209 19.49 18.30 -8.20
N GLN C 210 20.82 18.14 -8.09
CA GLN C 210 21.80 18.25 -9.20
C GLN C 210 21.55 17.21 -10.29
N HIS C 211 21.24 15.96 -9.92
CA HIS C 211 21.12 14.81 -10.86
C HIS C 211 19.93 15.00 -11.81
N TYR C 219 23.26 25.77 -13.55
CA TYR C 219 22.25 26.19 -12.53
C TYR C 219 22.92 26.35 -11.16
N THR C 220 22.16 26.86 -10.19
CA THR C 220 22.57 27.01 -8.77
C THR C 220 21.59 26.25 -7.89
N PRO C 221 22.00 25.86 -6.67
CA PRO C 221 21.12 25.27 -5.67
C PRO C 221 19.74 25.94 -5.58
N GLU C 222 19.73 27.27 -5.34
CA GLU C 222 18.53 28.11 -5.07
C GLU C 222 17.60 28.09 -6.29
N GLU C 223 18.18 27.97 -7.50
CA GLU C 223 17.42 27.89 -8.79
C GLU C 223 16.89 26.47 -9.00
N ARG C 224 17.69 25.45 -8.67
CA ARG C 224 17.28 24.01 -8.69
C ARG C 224 16.17 23.78 -7.65
N GLN C 225 16.00 24.66 -6.65
CA GLN C 225 14.90 24.64 -5.64
C GLN C 225 13.63 25.34 -6.17
N LYS C 226 13.76 26.46 -6.90
CA LYS C 226 12.61 27.27 -7.41
C LYS C 226 11.77 26.41 -8.37
N MET C 227 12.40 25.49 -9.13
CA MET C 227 11.72 24.50 -10.01
C MET C 227 11.15 23.35 -9.17
N ALA C 228 11.79 23.05 -8.04
CA ALA C 228 11.35 22.01 -7.09
C ALA C 228 10.02 22.44 -6.48
N ALA C 229 9.88 23.74 -6.17
CA ALA C 229 8.69 24.40 -5.57
C ALA C 229 7.40 23.94 -6.28
N HIS C 230 7.40 23.87 -7.61
CA HIS C 230 6.21 23.64 -8.47
C HIS C 230 5.63 22.23 -8.26
N ALA C 231 6.38 21.32 -7.63
CA ALA C 231 6.00 19.90 -7.38
C ALA C 231 4.89 19.82 -6.33
N SER C 232 5.03 20.55 -5.22
CA SER C 232 4.00 20.64 -4.14
C SER C 232 2.83 21.47 -4.66
N PRO C 233 1.58 21.03 -4.39
CA PRO C 233 0.42 21.88 -4.64
C PRO C 233 0.32 23.03 -3.61
N LEU C 234 1.20 23.04 -2.62
CA LEU C 234 1.28 24.17 -1.67
C LEU C 234 2.32 25.15 -2.22
N HIS C 235 2.99 24.78 -3.30
CA HIS C 235 3.96 25.65 -4.01
C HIS C 235 5.04 26.12 -3.03
N ARG C 236 5.87 25.17 -2.59
CA ARG C 236 7.00 25.48 -1.68
C ARG C 236 7.74 24.17 -1.49
N ASN C 237 9.01 24.23 -1.11
CA ASN C 237 9.81 23.01 -0.91
C ASN C 237 9.72 22.64 0.55
N GLY C 238 10.42 21.58 0.92
CA GLY C 238 10.35 21.10 2.31
C GLY C 238 11.59 21.48 3.06
N PHE C 239 11.42 21.76 4.33
CA PHE C 239 12.60 22.09 5.17
C PHE C 239 12.63 21.16 6.38
N PRO C 240 13.81 20.90 6.96
CA PRO C 240 13.90 20.12 8.20
C PRO C 240 12.75 20.37 9.19
N GLU C 241 12.35 21.61 9.43
CA GLU C 241 11.31 21.91 10.45
C GLU C 241 10.03 21.13 10.11
N ASP C 242 9.66 21.08 8.82
CA ASP C 242 8.48 20.35 8.30
C ASP C 242 8.51 18.87 8.71
N ILE C 243 9.68 18.24 8.66
CA ILE C 243 9.86 16.81 9.02
C ILE C 243 9.96 16.73 10.55
N ALA C 244 10.55 17.75 11.19
CA ALA C 244 10.85 17.80 12.64
C ALA C 244 9.55 17.91 13.44
N ARG C 245 8.60 18.70 12.98
CA ARG C 245 7.33 18.94 13.72
C ARG C 245 6.61 17.61 13.85
N VAL C 246 6.51 16.86 12.75
CA VAL C 246 5.92 15.50 12.64
C VAL C 246 6.63 14.57 13.64
N VAL C 247 7.95 14.47 13.53
CA VAL C 247 8.80 13.61 14.43
C VAL C 247 8.47 13.94 15.90
N GLY C 248 8.36 15.22 16.24
CA GLY C 248 8.02 15.72 17.58
C GLY C 248 6.63 15.27 18.00
N PHE C 249 5.69 15.19 17.05
CA PHE C 249 4.32 14.67 17.32
C PHE C 249 4.36 13.15 17.61
N LEU C 250 4.87 12.36 16.64
CA LEU C 250 5.00 10.87 16.79
C LEU C 250 5.59 10.54 18.17
N VAL C 251 6.64 11.23 18.60
CA VAL C 251 7.41 10.86 19.82
C VAL C 251 6.86 11.60 21.04
N SER C 252 5.83 12.43 20.87
CA SER C 252 5.07 12.95 22.03
C SER C 252 4.18 11.83 22.58
N ALA C 253 3.67 12.03 23.80
CA ALA C 253 2.70 11.16 24.48
C ALA C 253 1.44 11.04 23.63
N GLU C 254 0.98 12.17 23.05
CA GLU C 254 -0.29 12.27 22.26
C GLU C 254 -0.18 11.53 20.91
N GLY C 255 1.03 11.23 20.43
CA GLY C 255 1.28 10.47 19.20
C GLY C 255 1.29 8.96 19.40
N GLU C 256 1.01 8.49 20.62
CA GLU C 256 1.12 7.06 21.01
C GLU C 256 0.33 6.19 20.04
N TRP C 257 -0.88 6.59 19.66
CA TRP C 257 -1.79 5.66 18.94
C TRP C 257 -1.36 5.55 17.46
N ILE C 258 -0.47 6.42 16.98
CA ILE C 258 0.30 6.16 15.73
C ILE C 258 1.50 5.28 16.12
N ASN C 259 1.53 4.06 15.57
CA ASN C 259 2.44 2.98 15.99
C ASN C 259 2.60 1.96 14.87
N GLY C 260 3.84 1.68 14.47
CA GLY C 260 4.20 0.74 13.40
C GLY C 260 3.91 1.31 12.03
N LYS C 261 4.13 2.60 11.82
CA LYS C 261 3.64 3.29 10.60
C LYS C 261 4.78 4.05 9.90
N VAL C 262 4.58 4.27 8.61
CA VAL C 262 5.37 5.20 7.75
C VAL C 262 4.48 6.40 7.45
N LEU C 263 5.00 7.59 7.74
CA LEU C 263 4.37 8.93 7.54
C LEU C 263 5.17 9.65 6.45
N THR C 264 4.66 9.62 5.23
CA THR C 264 5.33 10.30 4.09
C THR C 264 5.08 11.81 4.22
N VAL C 265 6.11 12.58 4.58
CA VAL C 265 6.01 14.05 4.73
C VAL C 265 6.59 14.66 3.45
N ASP C 266 5.73 14.94 2.47
CA ASP C 266 6.18 15.43 1.14
C ASP C 266 5.38 16.67 0.75
N GLY C 267 4.26 16.93 1.45
CA GLY C 267 3.42 18.08 1.18
C GLY C 267 2.64 17.96 -0.11
N GLY C 268 2.41 16.73 -0.58
CA GLY C 268 1.73 16.52 -1.87
C GLY C 268 2.64 15.84 -2.88
N ALA C 269 3.66 16.55 -3.35
CA ALA C 269 4.58 15.98 -4.37
C ALA C 269 3.81 15.14 -5.39
N ILE D 12 1.72 -19.80 -29.46
CA ILE D 12 0.72 -20.22 -28.42
C ILE D 12 0.83 -19.25 -27.22
N PRO D 13 -0.33 -18.79 -26.66
CA PRO D 13 -0.35 -18.01 -25.42
C PRO D 13 0.23 -18.71 -24.17
N GLY D 14 1.14 -18.01 -23.49
CA GLY D 14 1.70 -18.38 -22.18
C GLY D 14 2.91 -19.29 -22.30
N ARG D 15 3.26 -19.71 -23.53
CA ARG D 15 4.43 -20.58 -23.85
C ARG D 15 5.70 -19.73 -24.06
N LEU D 16 6.87 -20.33 -23.82
CA LEU D 16 8.23 -19.72 -23.96
C LEU D 16 9.12 -20.57 -24.88
N ASP D 17 8.53 -21.27 -25.86
CA ASP D 17 9.22 -21.95 -27.00
C ASP D 17 10.38 -21.06 -27.48
N GLY D 18 11.60 -21.62 -27.60
CA GLY D 18 12.80 -20.92 -28.13
C GLY D 18 13.50 -20.06 -27.09
N LYS D 19 12.82 -19.73 -25.99
CA LYS D 19 13.36 -18.89 -24.88
C LYS D 19 14.29 -19.73 -24.00
N VAL D 20 15.25 -19.05 -23.37
CA VAL D 20 16.20 -19.62 -22.37
C VAL D 20 15.96 -18.84 -21.08
N ALA D 21 15.86 -19.53 -19.94
CA ALA D 21 15.65 -18.94 -18.58
C ALA D 21 16.80 -19.37 -17.64
N LEU D 22 16.90 -18.69 -16.51
CA LEU D 22 17.79 -19.04 -15.37
C LEU D 22 17.06 -18.71 -14.07
N VAL D 23 17.02 -19.68 -13.16
CA VAL D 23 16.31 -19.60 -11.85
C VAL D 23 17.32 -19.92 -10.72
N THR D 24 17.63 -18.95 -9.87
CA THR D 24 18.49 -19.18 -8.69
C THR D 24 17.74 -20.06 -7.70
N GLY D 25 18.45 -21.03 -7.10
CA GLY D 25 17.92 -21.87 -6.01
C GLY D 25 16.71 -22.64 -6.49
N SER D 26 16.90 -23.39 -7.57
CA SER D 26 15.86 -24.19 -8.26
C SER D 26 16.13 -25.69 -8.07
N GLY D 27 16.91 -26.05 -7.05
CA GLY D 27 17.13 -27.46 -6.71
C GLY D 27 15.91 -28.01 -5.97
N ARG D 28 15.17 -27.12 -5.31
CA ARG D 28 14.16 -27.53 -4.30
C ARG D 28 13.22 -26.34 -4.02
N GLY D 29 12.06 -26.64 -3.44
CA GLY D 29 11.04 -25.65 -3.07
C GLY D 29 10.52 -24.89 -4.28
N ILE D 30 10.10 -23.64 -4.05
CA ILE D 30 9.46 -22.81 -5.11
C ILE D 30 10.41 -22.77 -6.30
N GLY D 31 11.70 -22.52 -6.05
CA GLY D 31 12.75 -22.55 -7.09
C GLY D 31 12.57 -23.71 -8.07
N ALA D 32 12.45 -24.94 -7.56
CA ALA D 32 12.36 -26.15 -8.39
C ALA D 32 11.12 -26.07 -9.28
N ALA D 33 9.95 -25.89 -8.67
CA ALA D 33 8.62 -25.83 -9.32
C ALA D 33 8.59 -24.77 -10.42
N VAL D 34 9.34 -23.68 -10.25
CA VAL D 34 9.46 -22.60 -11.27
C VAL D 34 10.15 -23.20 -12.50
N ALA D 35 11.35 -23.76 -12.31
CA ALA D 35 12.19 -24.36 -13.37
C ALA D 35 11.38 -25.39 -14.18
N VAL D 36 10.70 -26.30 -13.48
CA VAL D 36 9.87 -27.39 -14.11
C VAL D 36 8.75 -26.75 -14.93
N HIS D 37 8.11 -25.70 -14.41
CA HIS D 37 6.99 -25.02 -15.10
C HIS D 37 7.48 -24.30 -16.38
N LEU D 38 8.60 -23.59 -16.29
CA LEU D 38 9.21 -22.89 -17.46
C LEU D 38 9.52 -23.93 -18.54
N GLY D 39 10.13 -25.05 -18.15
CA GLY D 39 10.36 -26.20 -19.05
C GLY D 39 9.06 -26.60 -19.76
N LEU D 40 8.04 -26.98 -18.99
CA LEU D 40 6.73 -27.47 -19.49
C LEU D 40 6.15 -26.45 -20.48
N LEU D 41 6.57 -25.18 -20.39
CA LEU D 41 6.04 -24.07 -21.23
C LEU D 41 6.90 -23.88 -22.48
N GLY D 42 8.10 -24.47 -22.54
CA GLY D 42 8.92 -24.52 -23.77
C GLY D 42 10.30 -23.89 -23.58
N ALA D 43 10.55 -23.31 -22.41
CA ALA D 43 11.83 -22.66 -22.07
C ALA D 43 12.92 -23.73 -21.88
N LYS D 44 14.15 -23.38 -22.22
CA LYS D 44 15.36 -24.14 -21.81
C LYS D 44 15.80 -23.49 -20.49
N VAL D 45 15.92 -24.29 -19.43
CA VAL D 45 16.12 -23.81 -18.02
C VAL D 45 17.56 -24.09 -17.56
N VAL D 46 18.26 -23.03 -17.13
CA VAL D 46 19.47 -23.14 -16.24
C VAL D 46 18.94 -23.35 -14.82
N VAL D 47 19.40 -24.39 -14.12
CA VAL D 47 18.98 -24.70 -12.73
C VAL D 47 20.17 -24.48 -11.78
N ASN D 48 20.14 -23.38 -11.03
CA ASN D 48 21.20 -23.01 -10.05
C ASN D 48 20.82 -23.59 -8.68
N TYR D 49 21.80 -24.18 -8.00
CA TYR D 49 21.79 -24.65 -6.59
C TYR D 49 23.07 -24.14 -5.90
N ALA D 50 23.14 -24.26 -4.57
CA ALA D 50 24.36 -23.92 -3.79
C ALA D 50 24.76 -25.07 -2.87
N ASN D 51 23.80 -25.92 -2.44
CA ASN D 51 24.10 -27.06 -1.52
C ASN D 51 23.36 -28.35 -1.92
N SER D 52 22.51 -28.36 -2.95
CA SER D 52 21.59 -29.47 -3.28
C SER D 52 21.77 -29.91 -4.74
N PRO D 53 22.92 -30.52 -5.10
CA PRO D 53 23.15 -30.96 -6.48
C PRO D 53 22.31 -32.16 -6.89
N THR D 54 21.98 -33.07 -5.96
CA THR D 54 21.16 -34.30 -6.23
C THR D 54 19.79 -33.88 -6.73
N HIS D 55 19.10 -32.99 -5.98
CA HIS D 55 17.75 -32.47 -6.31
C HIS D 55 17.87 -31.51 -7.51
N ALA D 56 18.93 -30.73 -7.59
CA ALA D 56 19.27 -29.92 -8.79
C ALA D 56 19.28 -30.83 -10.03
N GLN D 57 19.92 -32.00 -9.93
CA GLN D 57 20.12 -32.91 -11.08
C GLN D 57 18.78 -33.62 -11.36
N LYS D 58 17.91 -33.80 -10.36
CA LYS D 58 16.58 -34.41 -10.53
C LYS D 58 15.70 -33.45 -11.32
N VAL D 59 15.68 -32.19 -10.88
CA VAL D 59 14.96 -31.06 -11.54
C VAL D 59 15.34 -31.02 -13.02
N VAL D 60 16.65 -30.90 -13.33
CA VAL D 60 17.20 -31.00 -14.72
C VAL D 60 16.57 -32.18 -15.48
N ASP D 61 16.56 -33.37 -14.86
CA ASP D 61 16.19 -34.64 -15.51
C ASP D 61 14.67 -34.58 -15.76
N GLU D 62 13.90 -34.03 -14.83
CA GLU D 62 12.43 -33.91 -14.99
C GLU D 62 12.12 -32.96 -16.15
N ILE D 63 12.98 -31.96 -16.38
CA ILE D 63 12.83 -30.92 -17.45
C ILE D 63 13.14 -31.53 -18.82
N LYS D 64 14.12 -32.45 -18.91
CA LYS D 64 14.47 -33.17 -20.16
C LYS D 64 13.35 -34.15 -20.52
N GLN D 65 12.85 -34.91 -19.54
CA GLN D 65 11.80 -35.95 -19.72
C GLN D 65 10.60 -35.32 -20.43
N LEU D 66 10.12 -34.16 -19.99
CA LEU D 66 8.88 -33.57 -20.56
C LEU D 66 9.23 -32.84 -21.86
N GLY D 67 10.52 -32.72 -22.18
CA GLY D 67 10.98 -32.51 -23.57
C GLY D 67 11.46 -31.09 -23.83
N SER D 68 12.02 -30.45 -22.82
CA SER D 68 12.81 -29.20 -22.96
C SER D 68 14.29 -29.58 -22.84
N ASP D 69 15.17 -28.63 -22.47
CA ASP D 69 16.56 -28.91 -22.07
C ASP D 69 16.84 -28.16 -20.78
N ALA D 70 17.85 -28.59 -20.02
CA ALA D 70 18.33 -27.92 -18.79
C ALA D 70 19.78 -28.30 -18.54
N ILE D 71 20.56 -27.42 -17.89
CA ILE D 71 21.81 -27.78 -17.14
C ILE D 71 21.65 -27.26 -15.71
N ALA D 72 22.55 -27.70 -14.83
CA ALA D 72 22.61 -27.26 -13.41
C ALA D 72 24.03 -26.78 -13.06
N ILE D 73 24.19 -25.46 -12.97
CA ILE D 73 25.48 -24.78 -12.63
C ILE D 73 25.48 -24.41 -11.14
N LYS D 74 26.31 -25.05 -10.31
CA LYS D 74 26.55 -24.65 -8.90
C LYS D 74 27.04 -23.19 -8.88
N ALA D 75 26.47 -22.39 -7.98
CA ALA D 75 26.81 -20.97 -7.73
C ALA D 75 26.10 -20.49 -6.47
N ASP D 76 26.89 -20.01 -5.49
CA ASP D 76 26.45 -19.38 -4.21
C ASP D 76 26.23 -17.87 -4.45
N VAL D 77 24.97 -17.42 -4.42
CA VAL D 77 24.59 -16.07 -4.94
C VAL D 77 24.91 -15.00 -3.88
N ARG D 78 25.43 -15.38 -2.71
CA ARG D 78 26.04 -14.42 -1.75
C ARG D 78 27.28 -13.80 -2.41
N GLN D 79 28.01 -14.61 -3.20
CA GLN D 79 29.31 -14.28 -3.86
C GLN D 79 29.03 -13.66 -5.26
N VAL D 80 29.26 -12.36 -5.39
CA VAL D 80 28.96 -11.57 -6.62
C VAL D 80 29.77 -12.09 -7.80
N PRO D 81 31.06 -12.49 -7.63
CA PRO D 81 31.79 -13.17 -8.71
C PRO D 81 31.21 -14.54 -9.11
N GLU D 82 30.64 -15.30 -8.15
CA GLU D 82 29.95 -16.58 -8.44
C GLU D 82 28.65 -16.29 -9.21
N ILE D 83 28.00 -15.14 -8.99
CA ILE D 83 26.81 -14.69 -9.81
C ILE D 83 27.23 -14.40 -11.25
N VAL D 84 28.31 -13.65 -11.48
CA VAL D 84 28.80 -13.26 -12.85
C VAL D 84 29.11 -14.56 -13.61
N ARG D 85 29.84 -15.47 -12.96
CA ARG D 85 30.19 -16.81 -13.53
C ARG D 85 28.87 -17.54 -13.81
N LEU D 86 27.93 -17.53 -12.86
CA LEU D 86 26.63 -18.22 -13.05
C LEU D 86 26.03 -17.80 -14.40
N PHE D 87 26.14 -16.52 -14.75
CA PHE D 87 25.44 -15.86 -15.89
C PHE D 87 26.25 -16.02 -17.20
N ASP D 88 27.58 -15.83 -17.17
CA ASP D 88 28.45 -15.98 -18.37
C ASP D 88 28.35 -17.42 -18.87
N GLU D 89 28.35 -18.37 -17.92
CA GLU D 89 28.16 -19.82 -18.15
C GLU D 89 26.75 -20.09 -18.70
N ALA D 90 25.73 -19.42 -18.16
CA ALA D 90 24.35 -19.48 -18.68
C ALA D 90 24.38 -19.15 -20.18
N VAL D 91 24.95 -18.01 -20.56
CA VAL D 91 25.00 -17.54 -21.98
C VAL D 91 25.91 -18.48 -22.82
N ALA D 92 27.00 -19.01 -22.25
CA ALA D 92 27.93 -19.91 -22.95
C ALA D 92 27.19 -21.17 -23.43
N HIS D 93 26.44 -21.83 -22.55
CA HIS D 93 25.88 -23.20 -22.81
C HIS D 93 24.69 -23.16 -23.78
N PHE D 94 23.79 -22.17 -23.68
CA PHE D 94 22.55 -22.08 -24.50
C PHE D 94 22.64 -20.98 -25.56
N GLY D 95 23.59 -20.03 -25.44
CA GLY D 95 23.86 -19.03 -26.49
C GLY D 95 23.32 -17.65 -26.16
N GLN D 96 22.15 -17.60 -25.51
CA GLN D 96 21.43 -16.36 -25.13
C GLN D 96 20.81 -16.57 -23.74
N LEU D 97 20.30 -15.51 -23.11
CA LEU D 97 19.41 -15.59 -21.94
C LEU D 97 18.25 -14.60 -22.12
N ASP D 98 17.03 -15.10 -21.94
CA ASP D 98 15.80 -14.28 -22.04
C ASP D 98 15.29 -13.96 -20.64
N ILE D 99 15.30 -14.93 -19.71
CA ILE D 99 14.51 -14.90 -18.44
C ILE D 99 15.45 -15.19 -17.27
N ALA D 100 15.42 -14.33 -16.23
CA ALA D 100 16.11 -14.54 -14.93
C ALA D 100 15.08 -14.47 -13.81
N VAL D 101 15.07 -15.46 -12.93
CA VAL D 101 14.14 -15.58 -11.77
C VAL D 101 15.01 -15.65 -10.53
N SER D 102 15.20 -14.52 -9.86
CA SER D 102 15.88 -14.43 -8.53
C SER D 102 14.94 -15.00 -7.45
N ASN D 103 15.19 -16.24 -7.01
CA ASN D 103 14.32 -17.04 -6.09
C ASN D 103 15.05 -17.38 -4.77
N SER D 104 16.35 -17.62 -4.77
CA SER D 104 17.10 -18.08 -3.57
C SER D 104 16.82 -17.15 -2.39
N GLY D 105 16.66 -17.74 -1.20
CA GLY D 105 16.33 -17.05 0.06
C GLY D 105 16.42 -17.95 1.29
N VAL D 106 16.62 -17.31 2.45
CA VAL D 106 16.64 -17.93 3.81
C VAL D 106 15.64 -17.16 4.69
N VAL D 107 14.94 -17.88 5.57
CA VAL D 107 14.09 -17.31 6.64
C VAL D 107 14.94 -17.07 7.89
N SER D 108 14.47 -16.19 8.79
CA SER D 108 15.08 -15.90 10.11
C SER D 108 13.95 -15.57 11.09
N PHE D 109 14.17 -15.75 12.40
CA PHE D 109 13.18 -15.48 13.48
C PHE D 109 13.91 -14.97 14.72
N GLY D 110 13.26 -14.08 15.46
CA GLY D 110 13.89 -13.45 16.62
C GLY D 110 13.35 -12.07 16.87
N HIS D 111 13.34 -11.67 18.14
CA HIS D 111 12.94 -10.29 18.53
C HIS D 111 14.14 -9.38 18.31
N LEU D 112 13.90 -8.16 17.83
CA LEU D 112 14.99 -7.20 17.57
C LEU D 112 16.04 -7.34 18.66
N LYS D 113 15.62 -7.46 19.90
CA LYS D 113 16.56 -7.48 21.05
C LYS D 113 17.60 -8.58 20.87
N ASP D 114 17.25 -9.63 20.14
CA ASP D 114 18.15 -10.81 20.07
C ASP D 114 18.69 -11.02 18.67
N VAL D 115 18.77 -9.96 17.87
CA VAL D 115 19.28 -10.08 16.47
C VAL D 115 20.76 -9.63 16.44
N THR D 116 21.66 -10.61 16.31
CA THR D 116 23.14 -10.42 16.19
C THR D 116 23.47 -9.83 14.82
N GLU D 117 24.66 -9.24 14.67
CA GLU D 117 25.20 -8.81 13.36
C GLU D 117 25.19 -10.00 12.40
N GLU D 118 25.71 -11.15 12.85
CA GLU D 118 25.99 -12.33 12.00
C GLU D 118 24.66 -12.72 11.34
N GLU D 119 23.59 -12.75 12.14
CA GLU D 119 22.24 -13.16 11.67
C GLU D 119 21.74 -12.18 10.59
N PHE D 120 21.93 -10.86 10.79
CA PHE D 120 21.59 -9.82 9.78
C PHE D 120 22.32 -10.11 8.47
N ASP D 121 23.66 -10.17 8.54
CA ASP D 121 24.54 -10.34 7.34
C ASP D 121 24.15 -11.63 6.63
N ARG D 122 23.86 -12.71 7.37
CA ARG D 122 23.41 -14.01 6.79
C ARG D 122 22.20 -13.76 5.90
N VAL D 123 21.17 -13.12 6.45
CA VAL D 123 19.82 -13.00 5.82
C VAL D 123 19.93 -12.08 4.60
N PHE D 124 20.53 -10.89 4.75
CA PHE D 124 20.55 -9.79 3.75
C PHE D 124 21.51 -10.10 2.58
N SER D 125 22.63 -10.74 2.87
CA SER D 125 23.66 -11.09 1.85
C SER D 125 22.97 -11.89 0.73
N LEU D 126 22.03 -12.78 1.07
CA LEU D 126 21.35 -13.66 0.07
C LEU D 126 20.04 -13.03 -0.39
N ASN D 127 19.16 -12.71 0.55
CA ASN D 127 17.75 -12.32 0.28
C ASN D 127 17.70 -10.96 -0.41
N THR D 128 18.44 -9.97 0.10
CA THR D 128 18.46 -8.57 -0.39
C THR D 128 19.60 -8.39 -1.39
N ARG D 129 20.83 -8.36 -0.90
CA ARG D 129 22.06 -8.07 -1.70
C ARG D 129 22.19 -9.08 -2.84
N GLY D 130 22.18 -10.39 -2.54
CA GLY D 130 22.31 -11.44 -3.55
C GLY D 130 21.39 -11.18 -4.74
N GLN D 131 20.08 -11.06 -4.46
CA GLN D 131 18.99 -10.83 -5.44
C GLN D 131 19.30 -9.55 -6.24
N PHE D 132 19.85 -8.53 -5.58
CA PHE D 132 20.20 -7.25 -6.25
C PHE D 132 21.16 -7.53 -7.41
N PHE D 133 22.20 -8.33 -7.15
CA PHE D 133 23.30 -8.59 -8.12
C PHE D 133 22.95 -9.78 -9.02
N VAL D 134 21.82 -10.44 -8.80
CA VAL D 134 21.19 -11.34 -9.80
C VAL D 134 20.47 -10.47 -10.84
N ALA D 135 19.62 -9.55 -10.38
CA ALA D 135 18.90 -8.56 -11.21
C ALA D 135 19.93 -7.86 -12.10
N ARG D 136 21.06 -7.48 -11.52
CA ARG D 136 22.10 -6.66 -12.20
C ARG D 136 22.70 -7.48 -13.34
N GLU D 137 23.23 -8.65 -13.03
CA GLU D 137 23.89 -9.52 -14.04
C GLU D 137 22.83 -10.10 -14.99
N ALA D 138 21.55 -10.06 -14.62
CA ALA D 138 20.46 -10.36 -15.57
C ALA D 138 20.42 -9.25 -16.64
N TYR D 139 20.26 -7.99 -16.21
CA TYR D 139 20.19 -6.85 -17.17
C TYR D 139 21.35 -6.97 -18.16
N LYS D 140 22.57 -7.19 -17.67
CA LYS D 140 23.79 -7.17 -18.52
C LYS D 140 23.70 -8.26 -19.58
N HIS D 141 23.27 -9.46 -19.17
CA HIS D 141 23.33 -10.73 -19.95
C HIS D 141 22.07 -10.99 -20.79
N LEU D 142 20.97 -10.27 -20.57
CA LEU D 142 19.63 -10.59 -21.14
C LEU D 142 19.50 -10.07 -22.57
N ASN D 143 18.80 -10.82 -23.42
CA ASN D 143 18.34 -10.36 -24.77
C ASN D 143 17.44 -9.17 -24.50
N ASN D 144 17.11 -8.40 -25.54
CA ASN D 144 16.05 -7.36 -25.42
C ASN D 144 14.72 -8.09 -25.33
N GLY D 145 13.69 -7.40 -24.81
CA GLY D 145 12.34 -7.94 -24.59
C GLY D 145 12.30 -9.03 -23.54
N GLY D 146 13.42 -9.27 -22.83
CA GLY D 146 13.56 -10.33 -21.82
C GLY D 146 12.76 -10.06 -20.55
N ARG D 147 13.07 -10.76 -19.46
CA ARG D 147 12.23 -10.81 -18.24
C ARG D 147 13.07 -10.94 -16.97
N ILE D 148 12.73 -10.22 -15.92
CA ILE D 148 13.37 -10.39 -14.58
C ILE D 148 12.28 -10.51 -13.51
N ILE D 149 12.43 -11.50 -12.63
CA ILE D 149 11.55 -11.77 -11.47
C ILE D 149 12.43 -11.83 -10.22
N MET D 150 11.96 -11.25 -9.12
CA MET D 150 12.66 -11.35 -7.82
C MET D 150 11.64 -11.88 -6.81
N THR D 151 12.07 -12.49 -5.71
CA THR D 151 11.11 -13.12 -4.75
C THR D 151 11.06 -12.36 -3.43
N SER D 152 9.86 -12.05 -2.96
CA SER D 152 9.65 -11.26 -1.72
C SER D 152 8.81 -12.07 -0.74
N SER D 153 7.93 -11.40 0.00
CA SER D 153 7.03 -12.06 0.98
C SER D 153 5.82 -11.14 1.21
N ASN D 154 4.67 -11.71 1.55
CA ASN D 154 3.46 -10.90 1.81
C ASN D 154 3.58 -10.21 3.16
N THR D 155 4.63 -10.51 3.91
CA THR D 155 4.76 -10.05 5.33
C THR D 155 5.59 -8.76 5.42
N SER D 156 6.15 -8.33 4.29
CA SER D 156 6.86 -7.02 4.11
C SER D 156 5.93 -5.87 4.51
N ARG D 157 4.80 -5.70 3.80
CA ARG D 157 3.78 -4.64 4.05
C ARG D 157 2.45 -5.27 4.47
N SER D 160 2.08 -8.98 9.36
CA SER D 160 2.98 -8.42 10.39
C SER D 160 3.09 -9.34 11.61
N VAL D 161 3.37 -10.65 11.41
CA VAL D 161 3.72 -11.62 12.49
C VAL D 161 4.94 -11.09 13.24
N PRO D 162 4.96 -11.13 14.60
CA PRO D 162 6.14 -10.75 15.38
C PRO D 162 7.39 -11.64 15.20
N LYS D 163 8.49 -11.18 15.78
CA LYS D 163 9.79 -11.88 15.79
C LYS D 163 10.18 -12.25 14.36
N PHE D 164 9.82 -11.40 13.39
CA PHE D 164 9.92 -11.61 11.91
C PHE D 164 10.47 -10.36 11.21
N SER D 165 10.99 -9.41 11.97
CA SER D 165 11.61 -8.15 11.49
C SER D 165 12.62 -8.45 10.39
N LEU D 166 13.73 -9.11 10.73
CA LEU D 166 14.97 -9.17 9.92
C LEU D 166 14.65 -9.59 8.48
N TYR D 167 13.96 -10.74 8.33
CA TYR D 167 13.54 -11.33 7.04
C TYR D 167 12.57 -10.37 6.33
N SER D 168 11.54 -9.92 7.04
CA SER D 168 10.46 -9.04 6.52
C SER D 168 11.06 -7.86 5.77
N GLY D 169 12.02 -7.17 6.40
CA GLY D 169 12.70 -5.99 5.85
C GLY D 169 13.64 -6.33 4.71
N SER D 170 14.18 -7.55 4.70
CA SER D 170 15.07 -8.05 3.63
C SER D 170 14.28 -8.11 2.32
N LYS D 171 12.95 -8.31 2.41
CA LYS D 171 12.05 -8.43 1.23
C LYS D 171 11.38 -7.07 0.93
N GLY D 172 11.23 -6.20 1.93
CA GLY D 172 10.71 -4.84 1.72
C GLY D 172 11.60 -4.08 0.74
N ALA D 173 12.91 -4.29 0.87
CA ALA D 173 13.96 -3.80 -0.04
C ALA D 173 13.67 -4.29 -1.47
N ILE D 174 13.28 -5.55 -1.67
CA ILE D 174 12.96 -6.09 -3.03
C ILE D 174 11.76 -5.33 -3.60
N ASP D 175 10.71 -5.16 -2.80
CA ASP D 175 9.48 -4.43 -3.23
C ASP D 175 9.88 -3.04 -3.73
N SER D 176 10.94 -2.45 -3.17
CA SER D 176 11.37 -1.07 -3.53
C SER D 176 12.16 -1.13 -4.82
N PHE D 177 13.08 -2.08 -4.93
CA PHE D 177 14.04 -2.25 -6.06
C PHE D 177 13.27 -2.39 -7.39
N VAL D 178 12.15 -3.11 -7.41
CA VAL D 178 11.55 -3.63 -8.68
C VAL D 178 10.98 -2.44 -9.45
N ARG D 179 10.24 -1.56 -8.77
CA ARG D 179 9.60 -0.38 -9.38
C ARG D 179 10.69 0.39 -10.13
N ILE D 180 11.80 0.67 -9.47
CA ILE D 180 12.93 1.45 -10.05
C ILE D 180 13.55 0.62 -11.18
N PHE D 181 14.04 -0.58 -10.88
CA PHE D 181 14.63 -1.52 -11.88
C PHE D 181 13.88 -1.44 -13.20
N SER D 182 12.54 -1.51 -13.14
CA SER D 182 11.64 -1.46 -14.33
C SER D 182 11.87 -0.15 -15.08
N LYS D 183 12.23 0.92 -14.40
CA LYS D 183 12.63 2.19 -15.06
C LYS D 183 13.99 1.95 -15.74
N ASP D 184 15.05 1.72 -14.96
CA ASP D 184 16.40 1.35 -15.46
C ASP D 184 16.30 0.35 -16.62
N CYS D 185 15.58 -0.76 -16.44
CA CYS D 185 15.62 -1.94 -17.34
C CYS D 185 14.84 -1.72 -18.64
N GLY D 186 14.01 -0.69 -18.71
CA GLY D 186 13.18 -0.42 -19.90
C GLY D 186 13.98 -0.24 -21.20
N ASP D 187 15.23 0.25 -21.13
CA ASP D 187 16.02 0.63 -22.33
C ASP D 187 16.48 -0.63 -23.09
N LYS D 188 16.27 -1.85 -22.56
CA LYS D 188 16.35 -3.13 -23.33
C LYS D 188 14.95 -3.77 -23.38
N LYS D 189 13.91 -2.99 -23.10
CA LYS D 189 12.50 -3.44 -22.92
C LYS D 189 12.48 -4.76 -22.12
N ILE D 190 13.15 -4.76 -20.95
CA ILE D 190 13.05 -5.85 -19.92
C ILE D 190 12.08 -5.40 -18.81
N THR D 191 11.06 -6.20 -18.55
CA THR D 191 10.10 -6.00 -17.44
C THR D 191 10.75 -6.58 -16.20
N VAL D 192 10.57 -5.91 -15.05
CA VAL D 192 11.03 -6.41 -13.73
C VAL D 192 9.85 -6.38 -12.77
N ASN D 193 9.47 -7.53 -12.26
CA ASN D 193 8.41 -7.65 -11.22
C ASN D 193 8.94 -8.54 -10.09
N ALA D 194 8.33 -8.48 -8.92
CA ALA D 194 8.57 -9.44 -7.82
C ALA D 194 7.30 -10.28 -7.63
N VAL D 195 7.43 -11.52 -7.15
CA VAL D 195 6.29 -12.28 -6.55
C VAL D 195 6.50 -12.31 -5.03
N ALA D 196 5.44 -12.04 -4.29
CA ALA D 196 5.48 -12.11 -2.83
C ALA D 196 4.69 -13.34 -2.41
N PRO D 197 5.33 -14.50 -2.31
CA PRO D 197 4.60 -15.68 -1.98
C PRO D 197 4.15 -15.57 -0.53
N GLY D 198 3.14 -16.34 -0.15
CA GLY D 198 2.71 -16.37 1.24
C GLY D 198 2.21 -17.75 1.58
N GLY D 199 2.76 -18.39 2.59
CA GLY D 199 2.26 -19.72 3.02
C GLY D 199 2.35 -20.78 1.93
N THR D 200 3.54 -21.04 1.42
CA THR D 200 3.74 -22.03 0.33
C THR D 200 4.43 -23.25 0.94
N VAL D 201 3.92 -24.44 0.66
CA VAL D 201 4.44 -25.65 1.37
C VAL D 201 5.86 -26.02 0.95
N THR D 202 6.84 -25.63 1.76
CA THR D 202 8.27 -26.06 1.63
C THR D 202 8.88 -26.17 3.03
N ASP D 203 10.16 -26.57 3.10
CA ASP D 203 10.95 -26.68 4.37
C ASP D 203 11.05 -25.32 5.06
N MET D 204 11.02 -24.24 4.29
CA MET D 204 10.96 -22.86 4.82
C MET D 204 9.59 -22.60 5.47
N PHE D 205 8.47 -22.88 4.80
CA PHE D 205 7.13 -22.76 5.42
C PHE D 205 7.03 -23.61 6.69
N HIS D 206 7.56 -24.84 6.65
CA HIS D 206 7.49 -25.79 7.79
C HIS D 206 8.33 -25.27 8.96
N ASP D 207 9.55 -24.78 8.71
CA ASP D 207 10.45 -24.29 9.78
C ASP D 207 9.86 -22.97 10.31
N VAL D 208 8.91 -22.37 9.60
CA VAL D 208 8.25 -21.11 10.05
C VAL D 208 7.02 -21.48 10.89
N SER D 209 6.13 -22.30 10.33
CA SER D 209 4.89 -22.73 11.03
C SER D 209 5.19 -23.19 12.46
N GLN D 210 6.41 -23.59 12.75
CA GLN D 210 6.77 -24.15 14.08
C GLN D 210 7.12 -23.01 15.04
N HIS D 211 7.23 -21.80 14.51
CA HIS D 211 7.65 -20.65 15.34
C HIS D 211 6.43 -19.77 15.58
N TYR D 212 5.61 -19.55 14.55
CA TYR D 212 4.48 -18.60 14.67
C TYR D 212 3.20 -19.34 15.07
N ILE D 213 3.32 -20.58 15.54
CA ILE D 213 2.14 -21.32 16.06
C ILE D 213 2.42 -21.63 17.53
N PRO D 214 1.75 -20.97 18.50
CA PRO D 214 1.96 -21.19 19.93
C PRO D 214 2.39 -22.59 20.37
N ASN D 215 2.16 -23.61 19.54
CA ASN D 215 2.66 -24.97 19.89
C ASN D 215 3.94 -25.23 19.12
N GLY D 216 3.87 -25.26 17.80
CA GLY D 216 5.05 -25.47 16.95
C GLY D 216 5.65 -26.85 17.13
N GLU D 217 6.75 -26.95 17.87
CA GLU D 217 7.47 -28.23 18.03
C GLU D 217 6.51 -29.30 18.53
N THR D 218 5.55 -28.92 19.37
CA THR D 218 4.55 -29.88 19.86
C THR D 218 3.83 -30.50 18.67
N TYR D 219 3.26 -29.69 17.76
CA TYR D 219 2.44 -30.25 16.67
C TYR D 219 3.33 -30.79 15.54
N THR D 220 2.70 -31.44 14.55
CA THR D 220 3.46 -31.99 13.39
C THR D 220 3.41 -30.98 12.25
N PRO D 221 4.43 -30.96 11.36
CA PRO D 221 4.40 -30.09 10.19
C PRO D 221 3.07 -30.17 9.45
N GLU D 222 2.58 -31.39 9.23
CA GLU D 222 1.33 -31.56 8.47
C GLU D 222 0.16 -31.09 9.33
N GLU D 223 0.13 -31.48 10.61
CA GLU D 223 -0.95 -30.93 11.48
C GLU D 223 -0.99 -29.38 11.40
N ARG D 224 0.18 -28.71 11.48
CA ARG D 224 0.33 -27.24 11.29
C ARG D 224 -0.13 -26.85 9.88
N GLN D 225 0.34 -27.58 8.86
CA GLN D 225 0.04 -27.30 7.43
C GLN D 225 -1.47 -27.18 7.26
N LYS D 226 -2.23 -28.09 7.91
CA LYS D 226 -3.71 -28.21 7.82
C LYS D 226 -4.38 -27.09 8.61
N MET D 227 -3.81 -26.70 9.75
CA MET D 227 -4.30 -25.53 10.52
C MET D 227 -4.34 -24.31 9.59
N ALA D 228 -3.25 -24.07 8.86
CA ALA D 228 -3.04 -22.94 7.92
C ALA D 228 -3.97 -23.03 6.71
N ALA D 229 -4.38 -24.24 6.29
CA ALA D 229 -5.32 -24.48 5.17
C ALA D 229 -6.65 -23.76 5.46
N HIS D 230 -7.10 -23.80 6.73
CA HIS D 230 -8.31 -23.13 7.28
C HIS D 230 -8.26 -21.60 7.05
N ALA D 231 -7.06 -21.00 7.14
CA ALA D 231 -6.84 -19.55 6.97
C ALA D 231 -7.29 -19.10 5.58
N SER D 232 -6.79 -19.72 4.50
CA SER D 232 -7.21 -19.36 3.13
C SER D 232 -8.72 -19.51 3.06
N PRO D 233 -9.45 -18.53 2.48
CA PRO D 233 -10.85 -18.72 2.15
C PRO D 233 -11.11 -19.85 1.14
N LEU D 234 -10.10 -20.22 0.36
CA LEU D 234 -10.23 -21.38 -0.55
C LEU D 234 -10.04 -22.63 0.32
N HIS D 235 -9.65 -22.47 1.56
CA HIS D 235 -9.54 -23.64 2.47
C HIS D 235 -8.55 -24.66 1.91
N ARG D 236 -7.32 -24.23 1.63
CA ARG D 236 -6.28 -25.19 1.20
C ARG D 236 -4.91 -24.56 1.46
N ASN D 237 -3.85 -25.27 1.12
CA ASN D 237 -2.50 -24.76 1.38
C ASN D 237 -1.90 -24.27 0.07
N GLY D 238 -0.93 -23.38 0.17
CA GLY D 238 -0.18 -22.94 -1.03
C GLY D 238 0.94 -23.92 -1.35
N PHE D 239 1.09 -24.26 -2.63
CA PHE D 239 2.13 -25.21 -3.12
C PHE D 239 3.00 -24.51 -4.15
N PRO D 240 4.28 -24.89 -4.27
CA PRO D 240 5.21 -24.26 -5.21
C PRO D 240 4.69 -24.10 -6.64
N GLU D 241 3.81 -24.98 -7.10
CA GLU D 241 3.22 -24.93 -8.47
C GLU D 241 2.26 -23.73 -8.55
N ASP D 242 1.61 -23.37 -7.43
CA ASP D 242 0.73 -22.17 -7.33
C ASP D 242 1.49 -20.90 -7.75
N ILE D 243 2.75 -20.77 -7.30
CA ILE D 243 3.64 -19.58 -7.50
C ILE D 243 4.27 -19.69 -8.90
N ALA D 244 4.87 -20.84 -9.18
CA ALA D 244 5.41 -21.20 -10.52
C ALA D 244 4.49 -20.65 -11.60
N ARG D 245 3.17 -20.80 -11.47
CA ARG D 245 2.24 -20.44 -12.57
C ARG D 245 2.12 -18.93 -12.74
N VAL D 246 2.16 -18.18 -11.65
CA VAL D 246 2.13 -16.69 -11.72
C VAL D 246 3.43 -16.21 -12.38
N VAL D 247 4.56 -16.76 -11.97
CA VAL D 247 5.85 -16.39 -12.62
C VAL D 247 5.75 -16.69 -14.11
N GLY D 248 5.42 -17.92 -14.48
CA GLY D 248 5.30 -18.30 -15.90
C GLY D 248 4.53 -17.30 -16.74
N PHE D 249 3.39 -16.83 -16.25
CA PHE D 249 2.58 -15.82 -16.97
C PHE D 249 3.40 -14.55 -17.04
N LEU D 250 3.93 -14.17 -15.90
CA LEU D 250 4.70 -12.91 -15.84
C LEU D 250 5.82 -12.92 -16.89
N VAL D 251 6.48 -14.06 -17.11
CA VAL D 251 7.68 -14.14 -18.00
C VAL D 251 7.29 -14.57 -19.43
N SER D 252 6.01 -14.92 -19.66
CA SER D 252 5.40 -15.03 -21.01
C SER D 252 5.38 -13.63 -21.64
N ALA D 253 5.15 -13.53 -22.94
CA ALA D 253 5.01 -12.24 -23.65
C ALA D 253 3.64 -11.66 -23.29
N GLU D 254 2.69 -12.53 -22.92
CA GLU D 254 1.29 -12.18 -22.54
C GLU D 254 1.29 -11.38 -21.21
N GLY D 255 2.32 -11.56 -20.37
CA GLY D 255 2.44 -10.89 -19.05
C GLY D 255 3.10 -9.51 -19.13
N GLU D 256 3.46 -9.09 -20.34
CA GLU D 256 4.34 -7.91 -20.55
C GLU D 256 3.83 -6.72 -19.73
N TRP D 257 2.55 -6.36 -19.89
CA TRP D 257 1.98 -5.07 -19.41
C TRP D 257 1.89 -5.08 -17.88
N ILE D 258 2.17 -6.22 -17.24
CA ILE D 258 2.54 -6.22 -15.79
C ILE D 258 4.04 -5.92 -15.68
N ASN D 259 4.38 -4.73 -15.18
CA ASN D 259 5.78 -4.22 -15.12
C ASN D 259 5.96 -3.30 -13.90
N GLY D 260 7.05 -3.49 -13.14
CA GLY D 260 7.40 -2.64 -11.99
C GLY D 260 6.55 -2.94 -10.75
N LYS D 261 5.81 -4.06 -10.74
CA LYS D 261 4.79 -4.42 -9.71
C LYS D 261 5.20 -5.61 -8.83
N VAL D 262 4.57 -5.71 -7.66
CA VAL D 262 4.71 -6.87 -6.71
C VAL D 262 3.35 -7.59 -6.67
N LEU D 263 3.31 -8.85 -7.08
CA LEU D 263 2.08 -9.69 -7.02
C LEU D 263 2.15 -10.58 -5.80
N THR D 264 1.25 -10.35 -4.84
CA THR D 264 1.16 -11.28 -3.70
C THR D 264 0.28 -12.44 -4.13
N VAL D 265 0.77 -13.67 -3.93
CA VAL D 265 0.01 -14.89 -4.30
C VAL D 265 -0.15 -15.70 -3.02
N ASP D 266 -1.31 -15.60 -2.39
CA ASP D 266 -1.51 -16.19 -1.04
C ASP D 266 -2.87 -16.87 -0.90
N GLY D 267 -3.82 -16.57 -1.77
CA GLY D 267 -5.15 -17.20 -1.74
C GLY D 267 -6.15 -16.48 -0.85
N GLY D 268 -5.89 -15.23 -0.47
CA GLY D 268 -6.78 -14.47 0.43
C GLY D 268 -6.31 -14.52 1.87
N ALA D 269 -5.45 -15.47 2.19
CA ALA D 269 -4.91 -15.72 3.56
C ALA D 269 -5.33 -14.64 4.55
#